data_1AIH
#
_entry.id   1AIH
#
_cell.length_a   42.400
_cell.length_b   129.300
_cell.length_c   234.200
_cell.angle_alpha   90.00
_cell.angle_beta   90.00
_cell.angle_gamma   90.00
#
_symmetry.space_group_name_H-M   'P 21 21 21'
#
loop_
_entity.id
_entity.type
_entity.pdbx_description
1 polymer 'HP1 INTEGRASE'
2 non-polymer 'SULFATE ION'
3 non-polymer 'MAGNESIUM ION'
4 water water
#
_entity_poly.entity_id   1
_entity_poly.type   'polypeptide(L)'
_entity_poly.pdbx_seq_one_letter_code
;ETELAFLYERDIYRLLAECDNSRNPDLGLIVRICLATGARWSEAETLTQSQVMPYKITFTNTKSKKNRTVPISDELFDML
PKKRGRLFNDAYESFENAVLRAEIELPKGQLTHVLRHTFASHFMMNGGNILVLKEILGHSTIEMTMRYAHFAPSHLESAV
KFNPLSNPAQ
;
_entity_poly.pdbx_strand_id   A,B,C,D
#
# COMPACT_ATOMS: atom_id res chain seq x y z
N GLU A 1 -25.07 56.18 -4.83
CA GLU A 1 -23.77 55.75 -5.34
C GLU A 1 -23.56 54.25 -5.09
N THR A 2 -24.09 53.43 -5.99
CA THR A 2 -24.00 51.98 -5.89
C THR A 2 -22.60 51.37 -5.79
N GLU A 3 -21.56 52.11 -6.19
CA GLU A 3 -20.20 51.57 -6.17
C GLU A 3 -19.36 51.72 -4.91
N LEU A 4 -18.73 50.62 -4.48
CA LEU A 4 -17.85 50.62 -3.31
C LEU A 4 -16.46 50.90 -3.89
N ALA A 5 -16.14 52.17 -4.03
CA ALA A 5 -14.87 52.61 -4.59
C ALA A 5 -13.63 52.04 -3.92
N PHE A 6 -12.60 51.85 -4.73
CA PHE A 6 -11.35 51.31 -4.25
C PHE A 6 -10.27 51.90 -5.16
N LEU A 7 -9.04 51.96 -4.66
CA LEU A 7 -7.95 52.54 -5.44
C LEU A 7 -7.21 51.45 -6.17
N TYR A 8 -6.61 51.82 -7.29
CA TYR A 8 -5.81 50.90 -8.09
C TYR A 8 -4.37 51.26 -7.76
N GLU A 9 -3.46 50.32 -7.99
CA GLU A 9 -2.04 50.50 -7.75
C GLU A 9 -1.50 51.92 -7.95
N ARG A 10 -1.79 52.52 -9.10
CA ARG A 10 -1.31 53.86 -9.37
C ARG A 10 -1.85 54.87 -8.37
N ASP A 11 -3.14 54.77 -8.05
CA ASP A 11 -3.77 55.66 -7.07
C ASP A 11 -3.13 55.42 -5.71
N ILE A 12 -3.08 54.14 -5.36
CA ILE A 12 -2.51 53.69 -4.11
C ILE A 12 -1.13 54.29 -3.86
N TYR A 13 -0.27 54.26 -4.85
CA TYR A 13 1.06 54.79 -4.65
C TYR A 13 1.12 56.30 -4.66
N ARG A 14 0.22 56.96 -5.39
CA ARG A 14 0.23 58.42 -5.41
C ARG A 14 -0.37 58.93 -4.10
N LEU A 15 -1.31 58.18 -3.55
CA LEU A 15 -1.96 58.55 -2.30
C LEU A 15 -0.90 58.48 -1.19
N LEU A 16 -0.16 57.37 -1.16
CA LEU A 16 0.88 57.21 -0.15
C LEU A 16 1.88 58.35 -0.24
N ALA A 17 2.42 58.62 -1.42
CA ALA A 17 3.37 59.72 -1.56
C ALA A 17 2.84 61.01 -0.93
N GLU A 18 1.59 61.35 -1.21
CA GLU A 18 0.99 62.56 -0.67
C GLU A 18 0.83 62.47 0.85
N CYS A 19 0.45 61.28 1.32
CA CYS A 19 0.28 61.01 2.74
C CYS A 19 1.60 61.15 3.47
N ASP A 20 2.68 60.67 2.84
CA ASP A 20 4.01 60.72 3.42
C ASP A 20 4.58 62.13 3.45
N ASN A 21 3.90 63.06 2.81
CA ASN A 21 4.35 64.43 2.82
C ASN A 21 3.34 65.28 3.58
N SER A 22 2.40 64.61 4.25
CA SER A 22 1.39 65.28 5.03
C SER A 22 2.10 65.93 6.21
N ARG A 23 1.59 67.08 6.65
CA ARG A 23 2.17 67.76 7.81
C ARG A 23 1.93 66.93 9.09
N ASN A 24 1.15 65.85 8.95
CA ASN A 24 0.87 64.96 10.06
C ASN A 24 1.72 63.71 9.80
N PRO A 25 2.82 63.57 10.54
CA PRO A 25 3.75 62.43 10.42
C PRO A 25 3.20 61.03 10.69
N ASP A 26 1.98 60.93 11.20
CA ASP A 26 1.41 59.61 11.46
C ASP A 26 0.49 59.08 10.37
N LEU A 27 0.06 59.97 9.48
CA LEU A 27 -0.87 59.60 8.41
C LEU A 27 -0.40 58.40 7.61
N GLY A 28 0.77 58.55 6.99
CA GLY A 28 1.34 57.49 6.18
C GLY A 28 1.17 56.10 6.78
N LEU A 29 1.55 55.96 8.04
CA LEU A 29 1.46 54.68 8.75
C LEU A 29 0.02 54.23 8.94
N ILE A 30 -0.87 55.16 9.23
CA ILE A 30 -2.26 54.79 9.45
C ILE A 30 -2.86 54.26 8.15
N VAL A 31 -2.59 54.96 7.05
CA VAL A 31 -3.08 54.57 5.74
C VAL A 31 -2.51 53.19 5.39
N ARG A 32 -1.21 53.01 5.62
CA ARG A 32 -0.54 51.76 5.35
C ARG A 32 -1.15 50.60 6.12
N ILE A 33 -1.45 50.84 7.40
CA ILE A 33 -2.01 49.79 8.23
C ILE A 33 -3.34 49.35 7.65
N CYS A 34 -4.12 50.34 7.23
CA CYS A 34 -5.44 50.10 6.66
C CYS A 34 -5.38 49.28 5.36
N LEU A 35 -4.47 49.70 4.46
CA LEU A 35 -4.27 49.05 3.17
C LEU A 35 -3.73 47.63 3.33
N ALA A 36 -2.90 47.44 4.36
CA ALA A 36 -2.31 46.15 4.63
C ALA A 36 -3.18 45.17 5.40
N THR A 37 -4.21 45.67 6.11
CA THR A 37 -5.06 44.81 6.91
C THR A 37 -6.55 44.90 6.65
N GLY A 38 -6.99 46.03 6.08
CA GLY A 38 -8.40 46.23 5.81
C GLY A 38 -9.15 46.80 7.00
N ALA A 39 -8.37 47.23 7.99
CA ALA A 39 -8.90 47.81 9.22
C ALA A 39 -9.74 49.07 8.93
N ARG A 40 -10.70 49.35 9.81
CA ARG A 40 -11.54 50.54 9.70
C ARG A 40 -10.68 51.72 10.14
N TRP A 41 -10.92 52.90 9.59
CA TRP A 41 -10.09 54.07 9.91
C TRP A 41 -9.72 54.26 11.40
N SER A 42 -10.72 54.33 12.27
CA SER A 42 -10.48 54.51 13.70
C SER A 42 -9.63 53.35 14.27
N GLU A 43 -9.92 52.13 13.85
CA GLU A 43 -9.17 50.96 14.31
C GLU A 43 -7.68 51.09 14.15
N ALA A 44 -7.25 51.72 13.07
CA ALA A 44 -5.83 51.92 12.85
C ALA A 44 -5.35 53.23 13.45
N GLU A 45 -6.23 54.23 13.46
CA GLU A 45 -5.90 55.55 13.98
C GLU A 45 -5.65 55.58 15.49
N THR A 46 -6.41 54.79 16.23
CA THR A 46 -6.31 54.73 17.68
C THR A 46 -5.44 53.60 18.20
N LEU A 47 -4.76 52.91 17.30
CA LEU A 47 -3.91 51.78 17.66
C LEU A 47 -2.95 52.02 18.84
N THR A 48 -2.87 51.03 19.74
CA THR A 48 -1.99 51.12 20.89
C THR A 48 -0.88 50.06 20.79
N GLN A 49 0.27 50.37 21.36
CA GLN A 49 1.44 49.50 21.32
C GLN A 49 1.22 48.05 21.72
N SER A 50 0.22 47.79 22.55
CA SER A 50 -0.08 46.44 23.02
C SER A 50 -0.86 45.58 21.99
N GLN A 51 -1.26 46.17 20.87
CA GLN A 51 -1.99 45.44 19.84
C GLN A 51 -0.96 44.96 18.81
N VAL A 52 0.21 45.57 18.86
CA VAL A 52 1.29 45.24 17.96
C VAL A 52 2.19 44.19 18.59
N MET A 53 2.62 43.24 17.79
CA MET A 53 3.45 42.15 18.25
C MET A 53 4.26 41.71 17.06
N PRO A 54 5.42 41.05 17.29
CA PRO A 54 6.25 40.59 16.17
C PRO A 54 5.50 39.94 15.01
N TYR A 55 5.16 40.81 14.05
CA TYR A 55 4.47 40.46 12.80
C TYR A 55 2.96 40.17 12.80
N LYS A 56 2.19 41.01 13.49
CA LYS A 56 0.74 40.88 13.58
C LYS A 56 0.11 42.04 14.37
N ILE A 57 -1.18 42.28 14.15
CA ILE A 57 -1.94 43.34 14.84
C ILE A 57 -3.29 42.80 15.30
N THR A 58 -3.73 43.21 16.48
CA THR A 58 -5.02 42.75 16.98
C THR A 58 -5.94 43.95 17.11
N PHE A 59 -7.15 43.81 16.59
CA PHE A 59 -8.14 44.89 16.66
C PHE A 59 -9.23 44.40 17.58
N THR A 60 -9.75 45.31 18.41
CA THR A 60 -10.82 44.97 19.34
C THR A 60 -11.63 46.23 19.67
N ASN A 61 -12.94 46.09 19.83
CA ASN A 61 -13.79 47.27 20.15
C ASN A 61 -14.14 47.14 21.63
N THR A 62 -14.95 46.12 21.93
CA THR A 62 -15.28 45.79 23.30
C THR A 62 -14.93 44.31 23.31
N LYS A 63 -14.58 43.84 24.50
CA LYS A 63 -14.22 42.44 24.68
C LYS A 63 -15.29 41.61 24.02
N SER A 64 -16.51 42.15 23.97
CA SER A 64 -17.66 41.50 23.34
C SER A 64 -17.40 41.02 21.90
N LYS A 65 -16.62 39.94 21.77
CA LYS A 65 -16.24 39.36 20.47
C LYS A 65 -16.04 40.38 19.36
N LYS A 66 -14.81 40.87 19.31
CA LYS A 66 -14.39 41.87 18.36
C LYS A 66 -12.92 41.80 18.64
N ASN A 67 -12.38 40.62 18.41
CA ASN A 67 -10.97 40.37 18.64
C ASN A 67 -10.44 39.67 17.42
N ARG A 68 -9.82 40.45 16.54
CA ARG A 68 -9.26 39.89 15.33
C ARG A 68 -7.79 40.14 15.38
N THR A 69 -7.02 39.25 14.79
CA THR A 69 -5.58 39.43 14.74
C THR A 69 -5.19 39.30 13.28
N VAL A 70 -4.69 40.38 12.70
CA VAL A 70 -4.29 40.36 11.31
C VAL A 70 -2.79 40.48 11.12
N PRO A 71 -2.16 39.45 10.52
CA PRO A 71 -0.72 39.35 10.24
C PRO A 71 -0.27 40.43 9.27
N ILE A 72 0.89 41.02 9.56
CA ILE A 72 1.49 42.05 8.71
C ILE A 72 2.91 41.63 8.36
N SER A 73 3.57 42.35 7.46
CA SER A 73 4.92 42.00 7.09
C SER A 73 5.89 42.54 8.12
N ASP A 74 7.09 41.96 8.11
CA ASP A 74 8.16 42.39 9.00
C ASP A 74 8.41 43.86 8.68
N GLU A 75 8.41 44.19 7.40
CA GLU A 75 8.63 45.55 6.94
C GLU A 75 7.71 46.55 7.60
N LEU A 76 6.41 46.27 7.59
CA LEU A 76 5.45 47.19 8.21
C LEU A 76 5.69 47.28 9.71
N PHE A 77 5.74 46.12 10.37
CA PHE A 77 5.98 46.06 11.81
C PHE A 77 7.14 46.97 12.18
N ASP A 78 8.26 46.81 11.48
CA ASP A 78 9.43 47.60 11.76
C ASP A 78 9.25 49.10 11.58
N MET A 79 8.22 49.49 10.84
CA MET A 79 7.93 50.92 10.61
C MET A 79 7.16 51.58 11.76
N LEU A 80 6.41 50.76 12.50
CA LEU A 80 5.60 51.24 13.58
C LEU A 80 6.42 51.89 14.69
N PRO A 81 5.87 52.92 15.35
CA PRO A 81 6.57 53.62 16.44
C PRO A 81 6.74 52.67 17.62
N LYS A 82 7.89 52.74 18.27
CA LYS A 82 8.18 51.85 19.39
C LYS A 82 7.58 52.30 20.72
N LYS A 83 7.16 53.57 20.79
CA LYS A 83 6.57 54.12 22.03
C LYS A 83 5.28 53.43 22.52
N ARG A 84 5.01 53.56 23.82
CA ARG A 84 3.83 52.93 24.43
C ARG A 84 2.55 53.72 24.29
N GLY A 85 1.41 53.06 24.57
CA GLY A 85 0.13 53.73 24.47
C GLY A 85 -0.33 53.89 23.02
N ARG A 86 -0.90 55.03 22.67
CA ARG A 86 -1.36 55.28 21.32
C ARG A 86 -0.21 55.65 20.38
N LEU A 87 -0.02 54.83 19.35
CA LEU A 87 1.05 55.02 18.39
C LEU A 87 0.96 56.31 17.58
N PHE A 88 -0.25 56.78 17.32
CA PHE A 88 -0.43 57.99 16.52
C PHE A 88 -1.47 58.93 17.09
N ASN A 89 -1.46 60.15 16.57
CA ASN A 89 -2.44 61.19 16.91
C ASN A 89 -3.53 61.08 15.86
N ASP A 90 -4.64 61.77 16.05
CA ASP A 90 -5.70 61.71 15.05
C ASP A 90 -5.16 62.23 13.73
N ALA A 91 -5.53 61.60 12.62
CA ALA A 91 -5.04 62.01 11.30
C ALA A 91 -6.08 62.11 10.18
N TYR A 92 -7.36 61.86 10.48
CA TYR A 92 -8.39 61.92 9.46
C TYR A 92 -8.42 63.22 8.65
N GLU A 93 -8.42 64.36 9.34
CA GLU A 93 -8.46 65.64 8.65
C GLU A 93 -7.32 65.77 7.64
N SER A 94 -6.14 65.25 7.98
CA SER A 94 -5.01 65.32 7.09
C SER A 94 -5.21 64.38 5.90
N PHE A 95 -5.95 63.30 6.11
CA PHE A 95 -6.22 62.33 5.05
C PHE A 95 -6.97 63.02 3.89
N GLU A 96 -8.11 63.63 4.22
CA GLU A 96 -8.94 64.34 3.24
C GLU A 96 -8.07 65.24 2.38
N ASN A 97 -7.11 65.85 3.04
CA ASN A 97 -6.20 66.76 2.40
C ASN A 97 -5.26 66.07 1.42
N ALA A 98 -4.79 64.89 1.81
CA ALA A 98 -3.87 64.12 0.97
C ALA A 98 -4.61 63.60 -0.25
N VAL A 99 -5.75 62.97 -0.01
CA VAL A 99 -6.58 62.41 -1.07
C VAL A 99 -6.87 63.48 -2.15
N LEU A 100 -7.14 64.71 -1.75
CA LEU A 100 -7.39 65.78 -2.72
C LEU A 100 -6.15 66.06 -3.57
N ARG A 101 -4.99 66.13 -2.94
CA ARG A 101 -3.75 66.41 -3.66
C ARG A 101 -3.42 65.28 -4.64
N ALA A 102 -3.87 64.07 -4.33
CA ALA A 102 -3.61 62.91 -5.16
C ALA A 102 -4.62 62.82 -6.32
N GLU A 103 -5.47 63.85 -6.46
CA GLU A 103 -6.50 63.90 -7.49
C GLU A 103 -7.45 62.71 -7.40
N ILE A 104 -7.87 62.37 -6.18
CA ILE A 104 -8.76 61.22 -5.99
C ILE A 104 -10.23 61.60 -5.75
N GLU A 105 -11.10 61.21 -6.69
CA GLU A 105 -12.54 61.48 -6.64
C GLU A 105 -13.24 60.31 -5.92
N LEU A 106 -14.13 60.62 -4.99
CA LEU A 106 -14.85 59.58 -4.27
C LEU A 106 -16.30 60.01 -3.98
N PRO A 107 -17.23 59.04 -3.96
CA PRO A 107 -18.65 59.30 -3.70
C PRO A 107 -18.80 59.98 -2.33
N LYS A 108 -19.92 60.68 -2.13
CA LYS A 108 -20.16 61.37 -0.86
C LYS A 108 -19.98 60.39 0.31
N GLY A 109 -19.27 60.85 1.35
CA GLY A 109 -19.07 60.03 2.53
C GLY A 109 -18.33 58.71 2.38
N GLN A 110 -17.60 58.52 1.29
CA GLN A 110 -16.86 57.28 1.09
C GLN A 110 -15.38 57.34 1.44
N LEU A 111 -14.86 58.54 1.68
CA LEU A 111 -13.45 58.67 2.05
C LEU A 111 -13.06 57.76 3.24
N THR A 112 -14.00 57.55 4.16
CA THR A 112 -13.77 56.72 5.35
C THR A 112 -13.58 55.22 5.11
N HIS A 113 -14.30 54.67 4.12
CA HIS A 113 -14.24 53.24 3.85
C HIS A 113 -13.33 52.85 2.72
N VAL A 114 -12.97 53.82 1.88
CA VAL A 114 -12.15 53.55 0.69
C VAL A 114 -10.96 52.60 0.83
N LEU A 115 -10.17 52.79 1.89
CA LEU A 115 -9.02 51.95 2.13
C LEU A 115 -9.44 50.52 2.43
N ARG A 116 -10.45 50.36 3.27
CA ARG A 116 -10.90 49.02 3.61
C ARG A 116 -11.42 48.34 2.32
N HIS A 117 -12.19 49.08 1.53
CA HIS A 117 -12.71 48.57 0.27
C HIS A 117 -11.52 48.11 -0.59
N THR A 118 -10.52 48.98 -0.72
CA THR A 118 -9.35 48.65 -1.51
C THR A 118 -8.74 47.34 -1.07
N PHE A 119 -8.45 47.22 0.22
CA PHE A 119 -7.87 45.99 0.74
C PHE A 119 -8.68 44.77 0.30
N ALA A 120 -9.94 44.74 0.66
CA ALA A 120 -10.81 43.60 0.31
C ALA A 120 -10.85 43.34 -1.20
N SER A 121 -11.04 44.40 -1.98
CA SER A 121 -11.11 44.30 -3.44
C SER A 121 -9.92 43.55 -4.01
N HIS A 122 -8.72 44.01 -3.66
CA HIS A 122 -7.47 43.42 -4.13
C HIS A 122 -7.19 42.02 -3.58
N PHE A 123 -7.55 41.82 -2.32
CA PHE A 123 -7.37 40.55 -1.67
C PHE A 123 -8.04 39.51 -2.54
N MET A 124 -9.32 39.75 -2.82
CA MET A 124 -10.11 38.85 -3.66
C MET A 124 -9.57 38.78 -5.08
N MET A 125 -9.29 39.93 -5.68
CA MET A 125 -8.74 39.94 -7.02
C MET A 125 -7.45 39.11 -7.07
N ASN A 126 -6.66 39.14 -6.00
CA ASN A 126 -5.41 38.39 -5.93
C ASN A 126 -5.64 36.90 -5.70
N GLY A 127 -6.90 36.48 -5.67
CA GLY A 127 -7.18 35.08 -5.46
C GLY A 127 -7.30 34.69 -4.01
N GLY A 128 -7.48 35.68 -3.13
CA GLY A 128 -7.64 35.41 -1.72
C GLY A 128 -8.92 34.65 -1.42
N ASN A 129 -8.88 33.74 -0.44
CA ASN A 129 -10.05 32.95 -0.08
C ASN A 129 -11.04 33.83 0.67
N ILE A 130 -12.25 33.95 0.15
CA ILE A 130 -13.24 34.81 0.77
C ILE A 130 -13.52 34.46 2.21
N LEU A 131 -13.31 33.19 2.56
CA LEU A 131 -13.54 32.77 3.95
C LEU A 131 -12.48 33.38 4.89
N VAL A 132 -11.26 33.50 4.39
CA VAL A 132 -10.18 34.09 5.16
C VAL A 132 -10.51 35.57 5.33
N LEU A 133 -10.98 36.18 4.25
CA LEU A 133 -11.34 37.60 4.25
C LEU A 133 -12.41 37.95 5.26
N LYS A 134 -13.44 37.12 5.36
CA LYS A 134 -14.50 37.38 6.32
C LYS A 134 -13.91 37.57 7.72
N GLU A 135 -12.93 36.73 8.07
CA GLU A 135 -12.28 36.80 9.38
C GLU A 135 -11.46 38.06 9.54
N ILE A 136 -10.63 38.35 8.54
CA ILE A 136 -9.77 39.52 8.56
C ILE A 136 -10.51 40.84 8.84
N LEU A 137 -11.61 41.03 8.13
CA LEU A 137 -12.41 42.23 8.27
C LEU A 137 -13.32 42.15 9.49
N GLY A 138 -13.46 40.95 10.02
CA GLY A 138 -14.30 40.76 11.19
C GLY A 138 -15.78 40.94 10.90
N HIS A 139 -16.31 40.16 9.96
CA HIS A 139 -17.73 40.22 9.62
C HIS A 139 -18.41 39.12 10.44
N SER A 140 -19.56 39.42 11.02
CA SER A 140 -20.27 38.40 11.78
C SER A 140 -20.87 37.34 10.85
N THR A 141 -21.16 37.71 9.60
CA THR A 141 -21.72 36.80 8.59
C THR A 141 -20.94 36.85 7.28
N ILE A 142 -21.05 35.80 6.48
CA ILE A 142 -20.35 35.75 5.21
C ILE A 142 -21.05 36.64 4.18
N GLU A 143 -22.34 36.90 4.38
CA GLU A 143 -23.09 37.77 3.48
C GLU A 143 -22.39 39.14 3.38
N MET A 144 -21.78 39.58 4.47
CA MET A 144 -21.10 40.87 4.47
C MET A 144 -19.89 40.84 3.53
N THR A 145 -19.21 39.70 3.47
CA THR A 145 -18.03 39.59 2.61
C THR A 145 -18.43 39.41 1.14
N MET A 146 -19.62 38.87 0.94
CA MET A 146 -20.16 38.63 -0.40
C MET A 146 -20.11 39.85 -1.30
N ARG A 147 -20.11 41.03 -0.69
CA ARG A 147 -20.02 42.24 -1.47
C ARG A 147 -18.71 42.29 -2.27
N TYR A 148 -17.74 41.47 -1.89
CA TYR A 148 -16.44 41.47 -2.56
C TYR A 148 -16.14 40.26 -3.46
N ALA A 149 -17.09 39.32 -3.47
CA ALA A 149 -17.00 38.09 -4.26
C ALA A 149 -16.73 38.26 -5.76
N HIS A 150 -17.41 39.20 -6.41
CA HIS A 150 -17.25 39.41 -7.84
C HIS A 150 -15.83 39.69 -8.30
N PHE A 151 -14.93 39.93 -7.36
CA PHE A 151 -13.54 40.22 -7.71
C PHE A 151 -12.74 38.92 -7.86
N ALA A 152 -13.25 37.86 -7.25
CA ALA A 152 -12.60 36.56 -7.25
C ALA A 152 -12.52 35.95 -8.63
N PRO A 153 -11.29 35.80 -9.17
CA PRO A 153 -11.15 35.20 -10.50
C PRO A 153 -11.67 33.77 -10.41
N SER A 154 -12.86 33.53 -10.96
CA SER A 154 -13.46 32.19 -10.91
C SER A 154 -12.97 31.30 -12.05
N HIS A 155 -12.54 30.10 -11.70
CA HIS A 155 -12.04 29.12 -12.67
C HIS A 155 -12.50 27.72 -12.33
N LEU A 156 -13.63 27.33 -12.92
CA LEU A 156 -14.24 26.01 -12.70
C LEU A 156 -13.41 24.80 -13.13
N GLU A 157 -12.32 25.03 -13.86
CA GLU A 157 -11.48 23.92 -14.30
C GLU A 157 -10.87 23.21 -13.08
N SER A 158 -11.14 23.74 -11.89
CA SER A 158 -10.64 23.17 -10.65
C SER A 158 -11.39 21.89 -10.26
N ALA A 159 -12.60 21.70 -10.78
CA ALA A 159 -13.39 20.52 -10.47
C ALA A 159 -12.64 19.25 -10.88
N VAL A 160 -11.88 19.32 -11.96
CA VAL A 160 -11.10 18.17 -12.44
C VAL A 160 -9.87 17.99 -11.55
N LYS A 161 -9.32 19.11 -11.08
CA LYS A 161 -8.14 19.10 -10.24
C LYS A 161 -8.37 18.73 -8.76
N PHE A 162 -9.50 19.16 -8.21
CA PHE A 162 -9.80 18.92 -6.80
C PHE A 162 -10.86 17.87 -6.44
N ASN A 163 -11.47 17.22 -7.42
CA ASN A 163 -12.50 16.23 -7.11
C ASN A 163 -11.89 14.98 -6.47
N PRO A 164 -12.66 14.30 -5.61
CA PRO A 164 -12.23 13.09 -4.91
C PRO A 164 -11.73 12.03 -5.88
N LEU A 165 -12.47 11.80 -6.96
CA LEU A 165 -12.14 10.78 -7.95
C LEU A 165 -10.70 10.77 -8.45
N SER A 166 -10.23 11.87 -9.03
CA SER A 166 -8.86 11.89 -9.53
C SER A 166 -7.84 12.28 -8.46
N ASN A 167 -8.24 13.22 -7.60
CA ASN A 167 -7.36 13.71 -6.55
C ASN A 167 -8.00 13.65 -5.16
N PRO A 168 -7.99 12.47 -4.52
CA PRO A 168 -8.57 12.28 -3.19
C PRO A 168 -7.70 12.95 -2.13
N ALA A 169 -8.31 13.84 -1.35
CA ALA A 169 -7.61 14.60 -0.31
C ALA A 169 -7.16 13.79 0.90
N GLN A 170 -8.13 13.32 1.67
CA GLN A 170 -7.88 12.53 2.87
C GLN A 170 -7.32 13.36 4.03
N GLU B 3 -26.27 17.00 10.07
CA GLU B 3 -25.11 16.09 10.03
C GLU B 3 -25.00 15.44 8.64
N LEU B 4 -23.98 15.83 7.87
CA LEU B 4 -23.76 15.33 6.51
C LEU B 4 -22.57 14.36 6.40
N ALA B 5 -22.81 13.14 5.93
CA ALA B 5 -21.77 12.12 5.78
C ALA B 5 -21.08 12.16 4.42
N PHE B 6 -19.79 11.83 4.41
CA PHE B 6 -19.01 11.84 3.18
C PHE B 6 -17.97 10.74 3.30
N LEU B 7 -17.34 10.39 2.17
CA LEU B 7 -16.36 9.32 2.11
C LEU B 7 -14.89 9.74 2.03
N TYR B 8 -14.02 8.84 2.48
CA TYR B 8 -12.56 9.04 2.46
C TYR B 8 -12.00 8.11 1.39
N GLU B 9 -10.80 8.44 0.93
CA GLU B 9 -10.09 7.66 -0.09
C GLU B 9 -10.25 6.15 0.05
N ARG B 10 -9.99 5.60 1.23
CA ARG B 10 -10.10 4.15 1.43
C ARG B 10 -11.48 3.63 1.11
N ASP B 11 -12.51 4.37 1.49
CA ASP B 11 -13.90 4.00 1.25
C ASP B 11 -14.20 4.09 -0.24
N ILE B 12 -13.74 5.16 -0.84
CA ILE B 12 -13.91 5.41 -2.25
C ILE B 12 -13.33 4.29 -3.09
N TYR B 13 -12.15 3.79 -2.74
CA TYR B 13 -11.53 2.72 -3.50
C TYR B 13 -12.30 1.42 -3.34
N ARG B 14 -12.85 1.19 -2.16
CA ARG B 14 -13.61 -0.02 -1.95
C ARG B 14 -14.98 0.08 -2.63
N LEU B 15 -15.51 1.30 -2.70
CA LEU B 15 -16.80 1.49 -3.34
C LEU B 15 -16.65 1.25 -4.83
N LEU B 16 -15.67 1.90 -5.45
CA LEU B 16 -15.44 1.72 -6.87
C LEU B 16 -15.25 0.21 -7.17
N ALA B 17 -14.50 -0.49 -6.31
CA ALA B 17 -14.25 -1.92 -6.48
C ALA B 17 -15.53 -2.74 -6.43
N GLU B 18 -16.43 -2.42 -5.51
CA GLU B 18 -17.68 -3.15 -5.44
C GLU B 18 -18.57 -2.81 -6.63
N CYS B 19 -18.30 -1.66 -7.25
CA CYS B 19 -19.04 -1.17 -8.40
C CYS B 19 -18.56 -1.82 -9.69
N ASP B 20 -17.26 -2.07 -9.78
CA ASP B 20 -16.65 -2.71 -10.94
C ASP B 20 -16.79 -4.21 -10.73
N ASN B 21 -18.04 -4.62 -10.49
CA ASN B 21 -18.35 -6.01 -10.19
C ASN B 21 -19.87 -6.07 -10.11
N SER B 22 -20.51 -4.91 -10.28
CA SER B 22 -21.95 -4.87 -10.22
C SER B 22 -22.58 -5.50 -11.46
N ARG B 23 -23.74 -6.11 -11.27
CA ARG B 23 -24.48 -6.71 -12.37
C ARG B 23 -24.91 -5.55 -13.28
N ASN B 24 -25.16 -4.40 -12.68
CA ASN B 24 -25.53 -3.19 -13.40
C ASN B 24 -24.19 -2.59 -13.85
N PRO B 25 -23.95 -2.52 -15.17
CA PRO B 25 -22.71 -1.98 -15.76
C PRO B 25 -22.58 -0.47 -15.66
N ASP B 26 -23.71 0.18 -15.41
CA ASP B 26 -23.78 1.62 -15.29
C ASP B 26 -23.41 2.18 -13.90
N LEU B 27 -23.66 1.40 -12.85
CA LEU B 27 -23.39 1.81 -11.47
C LEU B 27 -22.02 2.48 -11.31
N GLY B 28 -20.98 1.79 -11.75
CA GLY B 28 -19.64 2.35 -11.64
C GLY B 28 -19.47 3.70 -12.32
N LEU B 29 -20.16 3.91 -13.44
CA LEU B 29 -20.06 5.17 -14.20
C LEU B 29 -20.79 6.33 -13.53
N ILE B 30 -22.03 6.07 -13.11
CA ILE B 30 -22.83 7.07 -12.42
C ILE B 30 -22.11 7.54 -11.14
N VAL B 31 -21.53 6.58 -10.42
CA VAL B 31 -20.79 6.86 -9.19
C VAL B 31 -19.62 7.80 -9.50
N ARG B 32 -18.83 7.48 -10.51
CA ARG B 32 -17.70 8.31 -10.90
C ARG B 32 -18.11 9.73 -11.27
N ILE B 33 -19.31 9.89 -11.80
CA ILE B 33 -19.81 11.19 -12.19
C ILE B 33 -20.08 12.03 -10.95
N CYS B 34 -20.83 11.48 -10.01
CA CYS B 34 -21.13 12.19 -8.76
C CYS B 34 -19.84 12.55 -8.02
N LEU B 35 -18.86 11.66 -8.00
CA LEU B 35 -17.58 11.90 -7.32
C LEU B 35 -16.67 12.85 -8.05
N ALA B 36 -17.07 13.31 -9.22
CA ALA B 36 -16.20 14.22 -9.98
C ALA B 36 -16.84 15.56 -10.25
N THR B 37 -18.13 15.68 -9.96
CA THR B 37 -18.87 16.91 -10.22
C THR B 37 -19.76 17.28 -9.06
N GLY B 38 -20.06 16.30 -8.22
CA GLY B 38 -20.92 16.56 -7.09
C GLY B 38 -22.37 16.52 -7.50
N ALA B 39 -22.64 15.84 -8.60
CA ALA B 39 -24.00 15.72 -9.10
C ALA B 39 -24.83 14.95 -8.09
N ARG B 40 -26.08 15.36 -7.93
CA ARG B 40 -26.98 14.63 -7.06
C ARG B 40 -27.08 13.29 -7.78
N TRP B 41 -27.55 12.27 -7.09
CA TRP B 41 -27.64 10.94 -7.71
C TRP B 41 -28.45 10.96 -9.01
N SER B 42 -29.69 11.45 -8.90
CA SER B 42 -30.59 11.50 -10.05
C SER B 42 -30.06 12.33 -11.21
N GLU B 43 -29.35 13.41 -10.93
CA GLU B 43 -28.81 14.23 -12.00
C GLU B 43 -27.87 13.46 -12.90
N ALA B 44 -27.11 12.54 -12.31
CA ALA B 44 -26.19 11.75 -13.11
C ALA B 44 -26.87 10.49 -13.64
N GLU B 45 -27.68 9.85 -12.80
CA GLU B 45 -28.40 8.63 -13.15
C GLU B 45 -29.18 8.78 -14.45
N THR B 46 -29.92 9.89 -14.55
CA THR B 46 -30.76 10.21 -15.72
C THR B 46 -30.05 11.07 -16.76
N LEU B 47 -28.74 11.14 -16.67
CA LEU B 47 -28.01 11.94 -17.62
C LEU B 47 -28.37 11.49 -19.02
N THR B 48 -28.73 12.45 -19.87
CA THR B 48 -29.05 12.15 -21.27
C THR B 48 -27.86 12.59 -22.15
N GLN B 49 -27.67 11.90 -23.27
CA GLN B 49 -26.57 12.18 -24.17
C GLN B 49 -26.33 13.64 -24.58
N SER B 50 -27.38 14.42 -24.76
CA SER B 50 -27.21 15.81 -25.17
C SER B 50 -26.58 16.72 -24.10
N GLN B 51 -26.74 16.33 -22.83
CA GLN B 51 -26.19 17.10 -21.71
C GLN B 51 -24.67 16.94 -21.61
N VAL B 52 -24.14 15.98 -22.37
CA VAL B 52 -22.72 15.70 -22.40
C VAL B 52 -22.05 16.35 -23.59
N MET B 53 -20.89 16.94 -23.35
CA MET B 53 -20.11 17.62 -24.38
C MET B 53 -18.67 17.34 -24.02
N PRO B 54 -17.73 17.47 -24.98
CA PRO B 54 -16.31 17.20 -24.71
C PRO B 54 -15.70 17.89 -23.49
N TYR B 55 -15.55 17.11 -22.41
CA TYR B 55 -14.94 17.52 -21.15
C TYR B 55 -15.75 18.48 -20.28
N LYS B 56 -17.07 18.26 -20.24
CA LYS B 56 -17.99 19.08 -19.45
C LYS B 56 -19.39 18.48 -19.50
N ILE B 57 -20.14 18.60 -18.41
CA ILE B 57 -21.48 18.05 -18.36
C ILE B 57 -22.45 19.11 -17.89
N THR B 58 -23.64 19.13 -18.48
CA THR B 58 -24.64 20.12 -18.09
C THR B 58 -25.82 19.48 -17.40
N PHE B 59 -25.90 19.68 -16.09
CA PHE B 59 -26.99 19.12 -15.27
C PHE B 59 -28.14 20.09 -15.39
N THR B 60 -29.36 19.63 -15.11
CA THR B 60 -30.52 20.51 -15.27
C THR B 60 -31.62 20.50 -14.17
N ASN B 61 -32.75 21.14 -14.51
CA ASN B 61 -33.95 21.29 -13.66
C ASN B 61 -34.28 20.20 -12.64
N THR B 62 -34.25 20.56 -11.35
CA THR B 62 -34.60 19.64 -10.27
C THR B 62 -36.02 20.04 -9.86
N LYS B 63 -36.15 21.29 -9.42
CA LYS B 63 -37.42 21.90 -8.99
C LYS B 63 -37.44 23.17 -9.84
N SER B 64 -36.37 23.94 -9.76
CA SER B 64 -36.21 25.15 -10.56
C SER B 64 -35.51 24.67 -11.82
N LYS B 65 -35.89 25.17 -12.99
CA LYS B 65 -35.22 24.75 -14.19
C LYS B 65 -33.77 25.26 -14.17
N LYS B 66 -32.93 24.52 -13.44
CA LYS B 66 -31.51 24.81 -13.27
C LYS B 66 -30.76 24.50 -14.55
N ASN B 67 -29.45 24.67 -14.50
CA ASN B 67 -28.58 24.43 -15.65
C ASN B 67 -27.23 24.99 -15.27
N ARG B 68 -26.26 24.09 -15.12
CA ARG B 68 -24.91 24.49 -14.79
C ARG B 68 -24.00 23.52 -15.52
N THR B 69 -22.77 23.94 -15.78
CA THR B 69 -21.88 23.05 -16.49
C THR B 69 -20.54 22.83 -15.78
N VAL B 70 -20.36 21.61 -15.28
CA VAL B 70 -19.16 21.21 -14.57
C VAL B 70 -18.17 20.51 -15.49
N PRO B 71 -16.97 21.08 -15.64
CA PRO B 71 -15.96 20.47 -16.51
C PRO B 71 -15.52 19.13 -15.93
N ILE B 72 -15.04 18.24 -16.81
CA ILE B 72 -14.56 16.91 -16.41
C ILE B 72 -13.30 16.53 -17.20
N SER B 73 -12.66 15.43 -16.80
CA SER B 73 -11.44 14.98 -17.47
C SER B 73 -11.70 14.15 -18.72
N ASP B 74 -10.75 14.19 -19.65
CA ASP B 74 -10.85 13.43 -20.88
C ASP B 74 -11.14 11.96 -20.54
N GLU B 75 -10.43 11.42 -19.56
CA GLU B 75 -10.56 10.02 -19.15
C GLU B 75 -11.93 9.66 -18.61
N LEU B 76 -12.64 10.64 -18.09
CA LEU B 76 -13.98 10.41 -17.57
C LEU B 76 -14.93 10.41 -18.76
N PHE B 77 -14.74 11.38 -19.64
CA PHE B 77 -15.54 11.53 -20.83
C PHE B 77 -15.37 10.28 -21.71
N ASP B 78 -14.13 10.00 -22.09
CA ASP B 78 -13.79 8.87 -22.93
C ASP B 78 -14.37 7.54 -22.51
N MET B 79 -14.88 7.46 -21.29
CA MET B 79 -15.46 6.21 -20.83
C MET B 79 -16.96 6.33 -20.60
N LEU B 80 -17.61 7.22 -21.36
CA LEU B 80 -19.05 7.43 -21.26
C LEU B 80 -19.78 6.75 -22.43
N PRO B 81 -21.04 6.32 -22.23
CA PRO B 81 -21.81 5.67 -23.28
C PRO B 81 -21.91 6.64 -24.46
N LYS B 82 -21.53 6.18 -25.66
CA LYS B 82 -21.56 7.02 -26.86
C LYS B 82 -22.95 7.01 -27.51
N LYS B 83 -23.90 6.31 -26.88
CA LYS B 83 -25.26 6.22 -27.38
C LYS B 83 -26.05 7.53 -27.38
N ARG B 84 -27.38 7.44 -27.37
CA ARG B 84 -28.25 8.61 -27.39
C ARG B 84 -29.42 8.44 -26.41
N GLY B 85 -29.97 9.55 -25.94
CA GLY B 85 -31.07 9.47 -24.98
C GLY B 85 -30.44 9.23 -23.61
N ARG B 86 -31.20 8.64 -22.68
CA ARG B 86 -30.67 8.35 -21.35
C ARG B 86 -29.46 7.42 -21.46
N LEU B 87 -28.32 7.85 -20.94
CA LEU B 87 -27.08 7.05 -20.99
C LEU B 87 -27.08 5.78 -20.13
N PHE B 88 -27.92 5.77 -19.09
CA PHE B 88 -27.97 4.64 -18.16
C PHE B 88 -29.39 4.25 -17.75
N ASN B 89 -29.45 3.18 -16.93
CA ASN B 89 -30.70 2.66 -16.38
C ASN B 89 -30.88 3.20 -14.96
N ASP B 90 -31.66 2.51 -14.15
CA ASP B 90 -31.87 2.90 -12.76
C ASP B 90 -30.90 2.17 -11.85
N ALA B 91 -29.76 2.81 -11.57
CA ALA B 91 -28.73 2.22 -10.73
C ALA B 91 -28.86 2.50 -9.24
N TYR B 92 -30.01 2.93 -8.76
CA TYR B 92 -30.14 3.21 -7.34
C TYR B 92 -30.07 1.96 -6.46
N GLU B 93 -30.90 0.97 -6.76
CA GLU B 93 -30.88 -0.26 -5.97
C GLU B 93 -29.50 -0.91 -6.08
N SER B 94 -28.90 -0.82 -7.26
CA SER B 94 -27.58 -1.38 -7.48
C SER B 94 -26.58 -0.63 -6.59
N PHE B 95 -26.79 0.66 -6.42
CA PHE B 95 -25.93 1.51 -5.60
C PHE B 95 -25.96 1.08 -4.13
N GLU B 96 -27.17 0.95 -3.59
CA GLU B 96 -27.37 0.51 -2.22
C GLU B 96 -26.60 -0.80 -2.03
N ASN B 97 -26.80 -1.72 -2.97
CA ASN B 97 -26.14 -3.03 -2.98
C ASN B 97 -24.62 -2.88 -2.83
N ALA B 98 -24.03 -2.04 -3.68
CA ALA B 98 -22.60 -1.81 -3.67
C ALA B 98 -22.13 -1.26 -2.32
N VAL B 99 -22.82 -0.23 -1.83
CA VAL B 99 -22.48 0.39 -0.56
C VAL B 99 -22.50 -0.66 0.56
N LEU B 100 -23.57 -1.43 0.64
CA LEU B 100 -23.70 -2.48 1.64
C LEU B 100 -22.54 -3.46 1.56
N ARG B 101 -22.24 -3.94 0.33
CA ARG B 101 -21.16 -4.89 0.09
C ARG B 101 -19.82 -4.28 0.46
N ALA B 102 -19.74 -2.95 0.46
CA ALA B 102 -18.52 -2.23 0.84
C ALA B 102 -18.49 -2.02 2.37
N GLU B 103 -19.56 -2.44 3.03
CA GLU B 103 -19.71 -2.30 4.48
C GLU B 103 -19.71 -0.82 4.88
N ILE B 104 -20.32 0.02 4.05
CA ILE B 104 -20.39 1.45 4.32
C ILE B 104 -21.66 1.85 5.04
N GLU B 105 -21.49 2.41 6.24
CA GLU B 105 -22.61 2.83 7.08
C GLU B 105 -22.93 4.31 6.90
N LEU B 106 -24.21 4.61 6.68
CA LEU B 106 -24.66 5.98 6.46
C LEU B 106 -26.00 6.24 7.12
N PRO B 107 -26.21 7.47 7.63
CA PRO B 107 -27.49 7.80 8.27
C PRO B 107 -28.60 7.72 7.23
N LYS B 108 -29.85 7.62 7.68
CA LYS B 108 -31.00 7.53 6.78
C LYS B 108 -31.00 8.59 5.67
N GLY B 109 -31.32 8.16 4.45
CA GLY B 109 -31.40 9.05 3.31
C GLY B 109 -30.17 9.84 2.91
N GLN B 110 -29.02 9.50 3.47
CA GLN B 110 -27.78 10.18 3.12
C GLN B 110 -27.21 9.67 1.81
N LEU B 111 -27.71 8.51 1.41
CA LEU B 111 -27.26 7.82 0.19
C LEU B 111 -27.38 8.62 -1.11
N THR B 112 -28.47 9.35 -1.25
CA THR B 112 -28.69 10.15 -2.45
C THR B 112 -27.68 11.29 -2.63
N HIS B 113 -27.15 11.80 -1.52
CA HIS B 113 -26.20 12.91 -1.59
C HIS B 113 -24.79 12.61 -1.13
N VAL B 114 -24.58 11.45 -0.53
CA VAL B 114 -23.26 11.10 -0.02
C VAL B 114 -22.09 11.31 -0.99
N LEU B 115 -22.28 10.92 -2.23
CA LEU B 115 -21.22 11.08 -3.21
C LEU B 115 -20.95 12.54 -3.50
N ARG B 116 -21.99 13.36 -3.45
CA ARG B 116 -21.82 14.79 -3.70
C ARG B 116 -21.16 15.46 -2.49
N HIS B 117 -21.55 15.02 -1.29
CA HIS B 117 -20.96 15.52 -0.05
C HIS B 117 -19.47 15.25 -0.18
N THR B 118 -19.12 14.02 -0.54
CA THR B 118 -17.73 13.62 -0.70
C THR B 118 -16.95 14.50 -1.66
N PHE B 119 -17.60 14.88 -2.76
CA PHE B 119 -16.98 15.74 -3.75
C PHE B 119 -16.69 17.08 -3.10
N ALA B 120 -17.73 17.66 -2.51
CA ALA B 120 -17.62 18.96 -1.86
C ALA B 120 -16.52 18.96 -0.81
N SER B 121 -16.66 18.10 0.20
CA SER B 121 -15.69 17.99 1.27
C SER B 121 -14.27 17.96 0.73
N HIS B 122 -14.00 17.03 -0.18
CA HIS B 122 -12.66 16.93 -0.74
C HIS B 122 -12.26 18.12 -1.57
N PHE B 123 -13.22 18.73 -2.27
CA PHE B 123 -12.95 19.89 -3.10
C PHE B 123 -12.39 20.97 -2.18
N MET B 124 -13.12 21.23 -1.10
CA MET B 124 -12.74 22.22 -0.10
C MET B 124 -11.43 21.88 0.60
N MET B 125 -11.28 20.62 0.97
CA MET B 125 -10.05 20.16 1.62
C MET B 125 -8.85 20.34 0.70
N ASN B 126 -9.04 20.05 -0.59
CA ASN B 126 -7.96 20.18 -1.57
C ASN B 126 -7.57 21.61 -1.90
N GLY B 127 -8.17 22.57 -1.19
CA GLY B 127 -7.87 23.97 -1.43
C GLY B 127 -8.79 24.66 -2.42
N GLY B 128 -9.95 24.06 -2.66
CA GLY B 128 -10.91 24.62 -3.60
C GLY B 128 -11.58 25.90 -3.13
N ASN B 129 -11.91 26.78 -4.06
CA ASN B 129 -12.57 28.04 -3.75
C ASN B 129 -14.06 27.84 -3.56
N ILE B 130 -14.50 28.12 -2.33
CA ILE B 130 -15.88 27.98 -1.89
C ILE B 130 -16.89 28.57 -2.88
N LEU B 131 -16.51 29.69 -3.48
CA LEU B 131 -17.37 30.38 -4.44
C LEU B 131 -17.51 29.53 -5.70
N VAL B 132 -16.39 28.93 -6.13
CA VAL B 132 -16.39 28.07 -7.30
C VAL B 132 -17.28 26.87 -6.99
N LEU B 133 -17.06 26.28 -5.82
CA LEU B 133 -17.82 25.13 -5.36
C LEU B 133 -19.31 25.44 -5.33
N LYS B 134 -19.63 26.69 -5.02
CA LYS B 134 -21.02 27.16 -4.95
C LYS B 134 -21.70 26.97 -6.30
N GLU B 135 -21.03 27.45 -7.35
CA GLU B 135 -21.57 27.34 -8.70
C GLU B 135 -21.62 25.88 -9.10
N ILE B 136 -20.50 25.18 -8.90
CA ILE B 136 -20.37 23.77 -9.24
C ILE B 136 -21.50 22.90 -8.73
N LEU B 137 -22.04 23.24 -7.57
CA LEU B 137 -23.10 22.43 -7.00
C LEU B 137 -24.48 23.01 -7.26
N GLY B 138 -24.50 24.19 -7.88
CA GLY B 138 -25.76 24.86 -8.17
C GLY B 138 -26.43 25.38 -6.91
N HIS B 139 -25.64 25.92 -6.00
CA HIS B 139 -26.20 26.45 -4.77
C HIS B 139 -26.70 27.87 -4.97
N SER B 140 -28.00 28.05 -4.85
CA SER B 140 -28.60 29.37 -5.03
C SER B 140 -28.04 30.34 -4.00
N THR B 141 -27.85 29.87 -2.76
CA THR B 141 -27.31 30.74 -1.71
C THR B 141 -25.99 30.19 -1.18
N ILE B 142 -25.05 31.09 -0.90
CA ILE B 142 -23.76 30.69 -0.35
C ILE B 142 -23.92 29.99 1.00
N GLU B 143 -25.07 30.19 1.65
CA GLU B 143 -25.34 29.56 2.96
C GLU B 143 -25.23 28.04 2.86
N MET B 144 -25.92 27.48 1.87
CA MET B 144 -25.94 26.04 1.63
C MET B 144 -24.50 25.55 1.48
N THR B 145 -23.73 26.25 0.65
CA THR B 145 -22.34 25.89 0.42
C THR B 145 -21.47 26.07 1.68
N MET B 146 -21.87 26.96 2.58
CA MET B 146 -21.11 27.22 3.79
C MET B 146 -20.92 25.97 4.63
N ARG B 147 -21.84 25.02 4.50
CA ARG B 147 -21.76 23.78 5.25
C ARG B 147 -20.50 22.96 4.97
N TYR B 148 -19.68 23.43 4.03
CA TYR B 148 -18.43 22.74 3.68
C TYR B 148 -17.22 23.58 4.02
N ALA B 149 -17.49 24.82 4.43
CA ALA B 149 -16.47 25.80 4.79
C ALA B 149 -15.44 25.29 5.79
N HIS B 150 -15.87 24.48 6.74
CA HIS B 150 -14.97 23.97 7.76
C HIS B 150 -13.84 23.09 7.22
N PHE B 151 -13.99 22.60 6.00
CA PHE B 151 -12.96 21.76 5.40
C PHE B 151 -11.83 22.61 4.84
N ALA B 152 -12.14 23.88 4.63
CA ALA B 152 -11.21 24.83 4.07
C ALA B 152 -10.03 25.07 4.99
N PRO B 153 -8.82 24.87 4.47
CA PRO B 153 -7.63 25.11 5.27
C PRO B 153 -7.52 26.63 5.44
N SER B 154 -7.56 27.11 6.68
CA SER B 154 -7.46 28.54 6.95
C SER B 154 -5.99 29.01 6.90
N HIS B 155 -5.72 30.06 6.13
CA HIS B 155 -4.37 30.59 5.98
C HIS B 155 -4.41 32.12 6.07
N LEU B 156 -4.40 32.66 7.30
CA LEU B 156 -4.43 34.13 7.45
C LEU B 156 -3.11 34.83 7.08
N GLU B 157 -2.06 34.05 6.90
CA GLU B 157 -0.76 34.60 6.50
C GLU B 157 -0.85 35.17 5.08
N SER B 158 -1.83 34.66 4.33
CA SER B 158 -2.07 35.08 2.95
C SER B 158 -2.29 36.60 2.87
N ALA B 159 -2.86 37.17 3.93
CA ALA B 159 -3.10 38.61 3.98
C ALA B 159 -1.81 39.37 3.72
N VAL B 160 -0.70 38.76 4.08
CA VAL B 160 0.59 39.40 3.91
C VAL B 160 1.02 39.43 2.44
N LYS B 161 0.48 38.51 1.65
CA LYS B 161 0.82 38.42 0.23
C LYS B 161 -0.26 38.91 -0.75
N PHE B 162 -1.47 39.08 -0.24
CA PHE B 162 -2.59 39.53 -1.06
C PHE B 162 -3.01 41.00 -0.89
N ASN B 163 -2.46 41.69 0.11
CA ASN B 163 -2.86 43.08 0.37
C ASN B 163 -2.38 44.10 -0.68
N PRO B 164 -3.21 45.11 -0.97
CA PRO B 164 -2.89 46.15 -1.96
C PRO B 164 -1.70 47.06 -1.64
N LEU B 165 -1.17 46.98 -0.42
CA LEU B 165 -0.02 47.82 -0.07
C LEU B 165 1.22 47.20 -0.68
N SER B 166 1.35 45.87 -0.57
CA SER B 166 2.51 45.17 -1.12
C SER B 166 2.30 44.53 -2.49
N ASN B 167 1.14 43.92 -2.71
CA ASN B 167 0.86 43.29 -3.99
C ASN B 167 -0.48 43.74 -4.58
N PRO B 168 -0.55 44.98 -5.09
CA PRO B 168 -1.79 45.46 -5.68
C PRO B 168 -2.06 44.68 -6.97
N ALA B 169 -3.25 44.10 -7.06
CA ALA B 169 -3.66 43.30 -8.20
C ALA B 169 -3.74 44.02 -9.55
N GLN B 170 -4.55 45.08 -9.64
CA GLN B 170 -4.80 45.83 -10.88
C GLN B 170 -5.77 45.10 -11.84
N GLU C 3 9.40 -8.46 3.64
CA GLU C 3 8.71 -9.72 3.92
C GLU C 3 7.73 -10.11 2.81
N LEU C 4 7.77 -11.36 2.40
CA LEU C 4 6.90 -11.84 1.33
C LEU C 4 5.49 -12.21 1.81
N ALA C 5 4.52 -11.38 1.42
CA ALA C 5 3.12 -11.58 1.81
C ALA C 5 2.45 -12.76 1.10
N PHE C 6 1.66 -13.51 1.86
CA PHE C 6 0.97 -14.66 1.30
C PHE C 6 -0.41 -14.73 1.93
N LEU C 7 -1.26 -15.60 1.40
CA LEU C 7 -2.61 -15.74 1.92
C LEU C 7 -2.83 -17.01 2.69
N TYR C 8 -3.87 -17.01 3.52
CA TYR C 8 -4.27 -18.15 4.32
C TYR C 8 -5.58 -18.59 3.73
N GLU C 9 -5.97 -19.83 4.03
CA GLU C 9 -7.20 -20.41 3.53
C GLU C 9 -8.35 -19.42 3.44
N ARG C 10 -8.70 -18.79 4.56
CA ARG C 10 -9.78 -17.83 4.60
C ARG C 10 -9.65 -16.72 3.54
N ASP C 11 -8.45 -16.20 3.34
CA ASP C 11 -8.25 -15.17 2.33
C ASP C 11 -8.23 -15.81 0.96
N ILE C 12 -7.74 -17.04 0.87
CA ILE C 12 -7.68 -17.71 -0.41
C ILE C 12 -9.09 -17.84 -0.97
N TYR C 13 -9.98 -18.47 -0.22
CA TYR C 13 -11.36 -18.64 -0.66
C TYR C 13 -12.17 -17.35 -0.78
N ARG C 14 -11.81 -16.32 0.00
CA ARG C 14 -12.53 -15.05 -0.08
C ARG C 14 -12.16 -14.33 -1.37
N LEU C 15 -10.86 -14.28 -1.67
CA LEU C 15 -10.39 -13.64 -2.89
C LEU C 15 -10.95 -14.43 -4.07
N LEU C 16 -10.96 -15.75 -3.95
CA LEU C 16 -11.46 -16.58 -5.03
C LEU C 16 -12.92 -16.28 -5.35
N ALA C 17 -13.74 -16.15 -4.30
CA ALA C 17 -15.16 -15.86 -4.48
C ALA C 17 -15.36 -14.49 -5.14
N GLU C 18 -14.46 -13.57 -4.83
CA GLU C 18 -14.52 -12.22 -5.39
C GLU C 18 -13.98 -12.22 -6.83
N CYS C 19 -13.12 -13.19 -7.14
CA CYS C 19 -12.56 -13.31 -8.48
C CYS C 19 -13.57 -13.92 -9.40
N ASP C 20 -14.17 -15.01 -8.96
CA ASP C 20 -15.20 -15.70 -9.75
C ASP C 20 -16.35 -14.77 -10.09
N ASN C 21 -16.73 -13.95 -9.12
CA ASN C 21 -17.83 -13.02 -9.31
C ASN C 21 -17.47 -11.79 -10.17
N SER C 22 -16.22 -11.70 -10.61
CA SER C 22 -15.80 -10.56 -11.44
C SER C 22 -16.51 -10.54 -12.79
N ARG C 23 -16.41 -9.41 -13.47
CA ARG C 23 -16.99 -9.25 -14.80
C ARG C 23 -16.03 -9.93 -15.79
N ASN C 24 -14.76 -10.03 -15.41
CA ASN C 24 -13.77 -10.69 -16.25
C ASN C 24 -13.80 -12.19 -15.96
N PRO C 25 -14.22 -13.01 -16.94
CA PRO C 25 -14.31 -14.47 -16.78
C PRO C 25 -12.98 -15.21 -16.58
N ASP C 26 -11.91 -14.64 -17.11
CA ASP C 26 -10.57 -15.23 -17.02
C ASP C 26 -9.90 -15.12 -15.65
N LEU C 27 -10.25 -14.07 -14.90
CA LEU C 27 -9.69 -13.82 -13.58
C LEU C 27 -9.68 -15.06 -12.70
N GLY C 28 -10.85 -15.67 -12.51
CA GLY C 28 -10.94 -16.87 -11.68
C GLY C 28 -10.00 -18.00 -12.08
N LEU C 29 -9.68 -18.12 -13.37
CA LEU C 29 -8.77 -19.19 -13.81
C LEU C 29 -7.35 -18.82 -13.49
N ILE C 30 -6.95 -17.65 -13.98
CA ILE C 30 -5.59 -17.15 -13.80
C ILE C 30 -5.17 -17.27 -12.33
N VAL C 31 -6.04 -16.78 -11.46
CA VAL C 31 -5.83 -16.84 -10.03
C VAL C 31 -5.52 -18.30 -9.64
N ARG C 32 -6.38 -19.22 -10.05
CA ARG C 32 -6.16 -20.62 -9.74
C ARG C 32 -4.79 -21.09 -10.22
N ILE C 33 -4.46 -20.81 -11.47
CA ILE C 33 -3.17 -21.26 -11.98
C ILE C 33 -2.05 -20.90 -10.99
N CYS C 34 -2.03 -19.63 -10.59
CA CYS C 34 -1.03 -19.12 -9.67
C CYS C 34 -1.01 -19.83 -8.33
N LEU C 35 -2.18 -20.08 -7.78
CA LEU C 35 -2.26 -20.77 -6.50
C LEU C 35 -1.87 -22.26 -6.59
N ALA C 36 -2.10 -22.87 -7.75
CA ALA C 36 -1.79 -24.29 -7.93
C ALA C 36 -0.41 -24.57 -8.45
N THR C 37 0.26 -23.55 -8.98
CA THR C 37 1.57 -23.76 -9.56
C THR C 37 2.65 -22.81 -9.06
N GLY C 38 2.21 -21.73 -8.41
CA GLY C 38 3.15 -20.73 -7.92
C GLY C 38 3.69 -19.91 -9.08
N ALA C 39 2.83 -19.56 -10.03
CA ALA C 39 3.24 -18.79 -11.19
C ALA C 39 3.10 -17.30 -10.95
N ARG C 40 4.02 -16.51 -11.50
CA ARG C 40 3.95 -15.06 -11.38
C ARG C 40 2.77 -14.65 -12.27
N TRP C 41 2.19 -13.49 -11.99
CA TRP C 41 1.03 -13.02 -12.75
C TRP C 41 1.16 -13.07 -14.28
N SER C 42 2.03 -12.26 -14.85
CA SER C 42 2.19 -12.24 -16.30
C SER C 42 2.44 -13.66 -16.83
N GLU C 43 3.17 -14.46 -16.07
CA GLU C 43 3.45 -15.84 -16.45
C GLU C 43 2.20 -16.71 -16.65
N ALA C 44 1.17 -16.45 -15.85
CA ALA C 44 -0.09 -17.19 -15.97
C ALA C 44 -1.02 -16.43 -16.92
N GLU C 45 -1.09 -15.12 -16.72
CA GLU C 45 -1.95 -14.27 -17.53
C GLU C 45 -1.73 -14.39 -19.04
N THR C 46 -0.47 -14.47 -19.47
CA THR C 46 -0.15 -14.56 -20.90
C THR C 46 0.06 -15.99 -21.42
N LEU C 47 -0.46 -16.97 -20.67
CA LEU C 47 -0.35 -18.39 -20.99
C LEU C 47 -1.09 -18.76 -22.28
N THR C 48 -0.41 -19.51 -23.14
CA THR C 48 -0.96 -19.96 -24.41
C THR C 48 -1.24 -21.47 -24.34
N GLN C 49 -2.09 -21.98 -25.23
CA GLN C 49 -2.45 -23.42 -25.23
C GLN C 49 -1.22 -24.29 -25.44
N SER C 50 -0.27 -23.76 -26.19
CA SER C 50 0.99 -24.44 -26.47
C SER C 50 1.83 -24.63 -25.20
N GLN C 51 1.31 -24.19 -24.06
CA GLN C 51 2.00 -24.31 -22.78
C GLN C 51 1.19 -25.20 -21.84
N VAL C 52 0.08 -25.71 -22.34
CA VAL C 52 -0.80 -26.55 -21.55
C VAL C 52 -1.06 -27.90 -22.19
N MET C 53 -0.78 -28.97 -21.45
CA MET C 53 -1.01 -30.34 -21.88
C MET C 53 -1.76 -30.95 -20.71
N PRO C 54 -2.50 -32.05 -20.95
CA PRO C 54 -3.24 -32.68 -19.86
C PRO C 54 -2.46 -32.87 -18.55
N TYR C 55 -2.84 -32.06 -17.56
CA TYR C 55 -2.28 -32.08 -16.20
C TYR C 55 -0.86 -31.59 -16.03
N LYS C 56 -0.42 -30.70 -16.92
CA LYS C 56 0.93 -30.15 -16.89
C LYS C 56 1.02 -28.81 -17.63
N ILE C 57 1.67 -27.82 -17.00
CA ILE C 57 1.84 -26.49 -17.59
C ILE C 57 3.33 -26.11 -17.62
N THR C 58 3.73 -25.35 -18.64
CA THR C 58 5.13 -24.93 -18.82
C THR C 58 5.29 -23.40 -18.93
N PHE C 59 6.24 -22.83 -18.20
CA PHE C 59 6.49 -21.37 -18.21
C PHE C 59 7.86 -21.03 -18.79
N THR C 60 8.05 -19.79 -19.28
CA THR C 60 9.32 -19.39 -19.90
C THR C 60 9.73 -17.91 -19.71
N ASN C 61 10.64 -17.46 -20.59
CA ASN C 61 11.15 -16.08 -20.64
C ASN C 61 11.85 -15.59 -19.38
N THR C 62 11.83 -14.27 -19.18
CA THR C 62 12.47 -13.63 -18.02
C THR C 62 13.99 -13.90 -18.00
N LYS C 63 14.39 -15.09 -17.53
CA LYS C 63 15.80 -15.44 -17.48
C LYS C 63 16.26 -16.00 -18.83
N SER C 64 16.13 -15.18 -19.88
CA SER C 64 16.51 -15.55 -21.25
C SER C 64 15.68 -16.77 -21.71
N LYS C 65 16.25 -17.96 -21.62
CA LYS C 65 15.57 -19.18 -22.00
C LYS C 65 14.62 -19.57 -20.87
N LYS C 66 15.20 -20.11 -19.79
CA LYS C 66 14.47 -20.53 -18.58
C LYS C 66 13.14 -21.25 -18.83
N ASN C 67 13.09 -22.54 -18.51
CA ASN C 67 11.88 -23.34 -18.71
C ASN C 67 11.61 -24.37 -17.60
N ARG C 68 10.34 -24.50 -17.22
CA ARG C 68 9.92 -25.44 -16.17
C ARG C 68 8.49 -25.92 -16.38
N THR C 69 8.20 -27.15 -15.99
CA THR C 69 6.88 -27.73 -16.14
C THR C 69 6.30 -28.11 -14.76
N VAL C 70 5.03 -27.77 -14.51
CA VAL C 70 4.40 -28.06 -13.23
C VAL C 70 3.03 -28.76 -13.40
N PRO C 71 2.87 -29.91 -12.75
CA PRO C 71 1.63 -30.72 -12.78
C PRO C 71 0.43 -29.97 -12.22
N ILE C 72 -0.76 -30.39 -12.62
CA ILE C 72 -1.99 -29.78 -12.12
C ILE C 72 -3.06 -30.86 -12.02
N SER C 73 -4.06 -30.61 -11.19
CA SER C 73 -5.14 -31.56 -11.02
C SER C 73 -5.98 -31.62 -12.29
N ASP C 74 -6.61 -32.77 -12.53
CA ASP C 74 -7.46 -32.96 -13.70
C ASP C 74 -8.54 -31.87 -13.68
N GLU C 75 -9.23 -31.77 -12.54
CA GLU C 75 -10.29 -30.78 -12.36
C GLU C 75 -9.84 -29.40 -12.87
N LEU C 76 -8.66 -28.94 -12.43
CA LEU C 76 -8.15 -27.65 -12.85
C LEU C 76 -8.00 -27.67 -14.37
N PHE C 77 -7.37 -28.71 -14.90
CA PHE C 77 -7.16 -28.81 -16.34
C PHE C 77 -8.43 -28.56 -17.16
N ASP C 78 -9.46 -29.35 -16.88
CA ASP C 78 -10.72 -29.25 -17.60
C ASP C 78 -11.35 -27.86 -17.53
N MET C 79 -11.15 -27.16 -16.41
CA MET C 79 -11.70 -25.82 -16.23
C MET C 79 -11.10 -24.81 -17.21
N LEU C 80 -10.02 -25.21 -17.87
CA LEU C 80 -9.32 -24.32 -18.79
C LEU C 80 -9.88 -24.21 -20.21
N PRO C 81 -9.87 -23.00 -20.77
CA PRO C 81 -10.38 -22.78 -22.12
C PRO C 81 -9.49 -23.49 -23.13
N LYS C 82 -10.05 -23.82 -24.29
CA LYS C 82 -9.31 -24.51 -25.34
C LYS C 82 -9.37 -23.66 -26.61
N LYS C 83 -8.24 -23.02 -26.94
CA LYS C 83 -8.14 -22.19 -28.13
C LYS C 83 -6.69 -22.05 -28.57
N ARG C 84 -6.46 -21.56 -29.79
CA ARG C 84 -5.11 -21.38 -30.29
C ARG C 84 -4.57 -20.05 -29.76
N GLY C 85 -3.28 -20.01 -29.44
CA GLY C 85 -2.69 -18.78 -28.93
C GLY C 85 -2.96 -18.60 -27.45
N ARG C 86 -3.03 -17.34 -27.01
CA ARG C 86 -3.27 -17.02 -25.60
C ARG C 86 -4.66 -17.48 -25.10
N LEU C 87 -4.69 -18.12 -23.92
CA LEU C 87 -5.93 -18.62 -23.34
C LEU C 87 -6.78 -17.50 -22.73
N PHE C 88 -6.13 -16.44 -22.27
CA PHE C 88 -6.83 -15.33 -21.61
C PHE C 88 -6.47 -13.94 -22.13
N ASN C 89 -7.28 -12.97 -21.70
CA ASN C 89 -7.09 -11.55 -22.03
C ASN C 89 -6.61 -10.94 -20.71
N ASP C 90 -6.00 -9.76 -20.77
CA ASP C 90 -5.50 -9.11 -19.56
C ASP C 90 -6.58 -9.03 -18.47
N ALA C 91 -6.24 -9.45 -17.26
CA ALA C 91 -7.18 -9.45 -16.13
C ALA C 91 -6.60 -8.81 -14.85
N TYR C 92 -5.46 -8.15 -14.99
CA TYR C 92 -4.77 -7.52 -13.86
C TYR C 92 -5.60 -6.49 -13.11
N GLU C 93 -6.19 -5.55 -13.87
CA GLU C 93 -7.03 -4.51 -13.29
C GLU C 93 -8.18 -5.19 -12.52
N SER C 94 -8.69 -6.29 -13.08
CA SER C 94 -9.79 -7.04 -12.46
C SER C 94 -9.33 -7.65 -11.14
N PHE C 95 -8.08 -8.10 -11.13
CA PHE C 95 -7.44 -8.69 -9.96
C PHE C 95 -7.40 -7.65 -8.83
N GLU C 96 -6.81 -6.49 -9.11
CA GLU C 96 -6.71 -5.40 -8.15
C GLU C 96 -8.04 -5.17 -7.44
N ASN C 97 -9.12 -5.06 -8.21
CA ASN C 97 -10.43 -4.83 -7.62
C ASN C 97 -10.91 -6.01 -6.80
N ALA C 98 -10.62 -7.23 -7.24
CA ALA C 98 -11.01 -8.42 -6.51
C ALA C 98 -10.32 -8.42 -5.13
N VAL C 99 -9.06 -7.98 -5.12
CA VAL C 99 -8.26 -7.88 -3.91
C VAL C 99 -8.86 -6.84 -2.98
N LEU C 100 -9.15 -5.66 -3.54
CA LEU C 100 -9.75 -4.57 -2.80
C LEU C 100 -11.03 -5.04 -2.13
N ARG C 101 -11.92 -5.63 -2.93
CA ARG C 101 -13.20 -6.15 -2.44
C ARG C 101 -12.97 -7.15 -1.31
N ALA C 102 -11.90 -7.94 -1.43
CA ALA C 102 -11.56 -8.94 -0.43
C ALA C 102 -10.82 -8.33 0.78
N GLU C 103 -10.69 -7.00 0.80
CA GLU C 103 -10.03 -6.29 1.89
C GLU C 103 -8.60 -6.78 2.15
N ILE C 104 -7.95 -7.30 1.12
CA ILE C 104 -6.59 -7.81 1.28
C ILE C 104 -5.55 -6.69 1.21
N GLU C 105 -4.81 -6.52 2.31
CA GLU C 105 -3.77 -5.50 2.45
C GLU C 105 -2.44 -6.09 2.02
N LEU C 106 -1.69 -5.37 1.19
CA LEU C 106 -0.41 -5.87 0.70
C LEU C 106 0.61 -4.79 0.46
N PRO C 107 1.89 -5.13 0.63
CA PRO C 107 2.99 -4.18 0.41
C PRO C 107 2.98 -3.70 -1.05
N LYS C 108 3.67 -2.60 -1.32
CA LYS C 108 3.74 -2.06 -2.68
C LYS C 108 4.52 -3.03 -3.59
N GLY C 109 3.94 -3.35 -4.75
CA GLY C 109 4.59 -4.21 -5.72
C GLY C 109 4.60 -5.71 -5.48
N GLN C 110 3.76 -6.19 -4.56
CA GLN C 110 3.70 -7.62 -4.24
C GLN C 110 2.48 -8.32 -4.83
N LEU C 111 1.61 -7.55 -5.48
CA LEU C 111 0.39 -8.08 -6.09
C LEU C 111 0.66 -9.18 -7.11
N THR C 112 1.65 -8.99 -7.98
CA THR C 112 1.98 -9.97 -8.99
C THR C 112 2.51 -11.27 -8.39
N HIS C 113 2.94 -11.22 -7.14
CA HIS C 113 3.51 -12.40 -6.46
C HIS C 113 2.73 -12.99 -5.28
N VAL C 114 1.82 -12.25 -4.68
CA VAL C 114 1.06 -12.76 -3.53
C VAL C 114 0.59 -14.19 -3.72
N LEU C 115 -0.05 -14.46 -4.86
CA LEU C 115 -0.56 -15.80 -5.17
C LEU C 115 0.61 -16.78 -5.22
N ARG C 116 1.72 -16.35 -5.82
CA ARG C 116 2.92 -17.16 -5.94
C ARG C 116 3.48 -17.48 -4.54
N HIS C 117 3.65 -16.45 -3.70
CA HIS C 117 4.16 -16.62 -2.33
C HIS C 117 3.23 -17.60 -1.60
N THR C 118 1.93 -17.42 -1.79
CA THR C 118 0.93 -18.26 -1.15
C THR C 118 1.12 -19.74 -1.46
N PHE C 119 1.47 -20.02 -2.71
CA PHE C 119 1.70 -21.38 -3.15
C PHE C 119 2.90 -21.96 -2.41
N ALA C 120 4.04 -21.27 -2.50
CA ALA C 120 5.26 -21.70 -1.85
C ALA C 120 5.07 -21.88 -0.35
N SER C 121 4.41 -20.89 0.25
CA SER C 121 4.15 -20.89 1.68
C SER C 121 3.36 -22.11 2.11
N HIS C 122 2.28 -22.39 1.40
CA HIS C 122 1.45 -23.53 1.75
C HIS C 122 2.12 -24.85 1.36
N PHE C 123 2.89 -24.83 0.27
CA PHE C 123 3.60 -26.02 -0.18
C PHE C 123 4.44 -26.55 0.97
N MET C 124 5.26 -25.67 1.53
CA MET C 124 6.14 -26.02 2.64
C MET C 124 5.38 -26.48 3.88
N MET C 125 4.35 -25.75 4.28
CA MET C 125 3.56 -26.11 5.45
C MET C 125 2.88 -27.46 5.24
N ASN C 126 2.58 -27.79 3.99
CA ASN C 126 1.92 -29.05 3.67
C ASN C 126 2.89 -30.21 3.68
N GLY C 127 4.15 -29.93 3.96
CA GLY C 127 5.17 -30.97 4.01
C GLY C 127 5.95 -31.05 2.71
N GLY C 128 5.80 -30.03 1.88
CA GLY C 128 6.50 -30.00 0.61
C GLY C 128 8.00 -30.12 0.77
N ASN C 129 8.67 -30.72 -0.22
CA ASN C 129 10.11 -30.86 -0.16
C ASN C 129 10.75 -29.63 -0.81
N ILE C 130 11.55 -28.94 -0.02
CA ILE C 130 12.23 -27.71 -0.43
C ILE C 130 12.98 -27.80 -1.76
N LEU C 131 13.54 -28.96 -2.05
CA LEU C 131 14.30 -29.14 -3.28
C LEU C 131 13.40 -29.14 -4.50
N VAL C 132 12.23 -29.77 -4.35
CA VAL C 132 11.22 -29.84 -5.40
C VAL C 132 10.64 -28.43 -5.65
N LEU C 133 10.27 -27.74 -4.57
CA LEU C 133 9.73 -26.38 -4.65
C LEU C 133 10.70 -25.51 -5.47
N LYS C 134 11.99 -25.73 -5.26
CA LYS C 134 13.03 -24.98 -5.97
C LYS C 134 12.82 -25.09 -7.48
N GLU C 135 12.77 -26.33 -7.97
CA GLU C 135 12.59 -26.61 -9.38
C GLU C 135 11.28 -26.02 -9.90
N ILE C 136 10.23 -26.14 -9.10
CA ILE C 136 8.90 -25.63 -9.46
C ILE C 136 8.85 -24.13 -9.70
N LEU C 137 9.40 -23.36 -8.76
CA LEU C 137 9.39 -21.90 -8.85
C LEU C 137 10.46 -21.42 -9.83
N GLY C 138 11.38 -22.33 -10.17
CA GLY C 138 12.43 -21.98 -11.10
C GLY C 138 13.47 -21.07 -10.46
N HIS C 139 13.92 -21.42 -9.25
CA HIS C 139 14.93 -20.63 -8.57
C HIS C 139 16.29 -21.23 -8.94
N SER C 140 17.23 -20.40 -9.39
CA SER C 140 18.55 -20.89 -9.78
C SER C 140 19.47 -21.24 -8.59
N THR C 141 19.26 -20.56 -7.46
CA THR C 141 20.05 -20.81 -6.26
C THR C 141 19.12 -21.36 -5.18
N ILE C 142 19.65 -22.20 -4.29
CA ILE C 142 18.85 -22.75 -3.22
C ILE C 142 18.50 -21.62 -2.24
N GLU C 143 19.29 -20.55 -2.27
CA GLU C 143 19.08 -19.38 -1.41
C GLU C 143 17.70 -18.77 -1.65
N MET C 144 17.31 -18.67 -2.91
CA MET C 144 16.01 -18.10 -3.27
C MET C 144 14.88 -18.88 -2.63
N THR C 145 14.94 -20.20 -2.75
CA THR C 145 13.92 -21.06 -2.18
C THR C 145 13.94 -21.05 -0.66
N MET C 146 15.07 -20.66 -0.08
CA MET C 146 15.22 -20.60 1.37
C MET C 146 14.22 -19.65 2.02
N ARG C 147 13.74 -18.67 1.27
CA ARG C 147 12.78 -17.69 1.75
C ARG C 147 11.45 -18.27 2.25
N TYR C 148 11.18 -19.54 1.94
CA TYR C 148 9.95 -20.20 2.38
C TYR C 148 10.30 -21.35 3.31
N ALA C 149 11.59 -21.48 3.58
CA ALA C 149 12.13 -22.52 4.43
C ALA C 149 11.50 -22.60 5.81
N HIS C 150 11.22 -21.45 6.40
CA HIS C 150 10.64 -21.45 7.74
C HIS C 150 9.27 -22.05 7.91
N PHE C 151 8.55 -22.24 6.81
CA PHE C 151 7.22 -22.83 6.89
C PHE C 151 7.31 -24.33 7.12
N ALA C 152 8.47 -24.90 6.78
CA ALA C 152 8.73 -26.32 6.93
C ALA C 152 8.43 -26.75 8.36
N PRO C 153 7.48 -27.69 8.54
CA PRO C 153 7.08 -28.19 9.87
C PRO C 153 8.19 -28.82 10.73
N SER C 154 9.44 -28.70 10.28
CA SER C 154 10.61 -29.24 10.98
C SER C 154 10.72 -30.77 10.92
N HIS C 155 10.25 -31.46 11.97
CA HIS C 155 10.29 -32.92 12.06
C HIS C 155 11.69 -33.49 12.28
N LEU C 156 12.55 -32.76 13.00
CA LEU C 156 13.92 -33.22 13.25
C LEU C 156 14.06 -34.66 13.81
N GLU C 157 12.95 -35.23 14.27
CA GLU C 157 12.92 -36.59 14.79
C GLU C 157 12.67 -37.55 13.62
N SER C 158 13.02 -37.10 12.42
CA SER C 158 12.86 -37.87 11.20
C SER C 158 14.10 -38.71 10.86
N ALA C 159 15.25 -38.36 11.43
CA ALA C 159 16.49 -39.11 11.20
C ALA C 159 16.22 -40.57 11.59
N VAL C 160 15.39 -40.74 12.61
CA VAL C 160 15.01 -42.06 13.09
C VAL C 160 14.20 -42.78 12.00
N LYS C 161 13.47 -42.02 11.18
CA LYS C 161 12.64 -42.58 10.12
C LYS C 161 13.38 -42.74 8.79
N PHE C 162 14.40 -41.92 8.54
CA PHE C 162 15.15 -41.95 7.29
C PHE C 162 16.56 -42.56 7.29
N ASN C 163 17.07 -43.00 8.42
CA ASN C 163 18.42 -43.55 8.49
C ASN C 163 18.55 -44.90 7.79
N PRO C 164 19.68 -45.13 7.10
CA PRO C 164 19.92 -46.39 6.39
C PRO C 164 19.98 -47.69 7.22
N LEU C 165 19.76 -47.59 8.53
CA LEU C 165 19.79 -48.78 9.38
C LEU C 165 18.38 -49.31 9.67
N SER C 166 17.46 -48.40 9.98
CA SER C 166 16.07 -48.76 10.28
C SER C 166 15.38 -49.03 8.95
N ASN C 167 15.65 -48.15 7.99
CA ASN C 167 15.06 -48.27 6.67
C ASN C 167 16.01 -47.74 5.61
N PRO C 168 16.75 -48.64 4.95
CA PRO C 168 17.71 -48.29 3.90
C PRO C 168 16.92 -47.96 2.63
N ALA C 169 17.25 -46.86 1.96
CA ALA C 169 16.53 -46.45 0.75
C ALA C 169 16.80 -47.38 -0.43
N GLN C 170 18.08 -47.48 -0.80
CA GLN C 170 18.49 -48.34 -1.89
C GLN C 170 17.83 -47.93 -3.21
N GLU D 1 38.26 -36.53 -6.34
CA GLU D 1 37.26 -36.82 -7.36
C GLU D 1 35.98 -36.00 -7.12
N THR D 2 35.14 -35.91 -8.16
CA THR D 2 33.87 -35.18 -8.07
C THR D 2 32.75 -36.14 -7.67
N GLU D 3 32.95 -36.88 -6.57
CA GLU D 3 31.97 -37.82 -6.06
C GLU D 3 32.24 -38.26 -4.61
N LEU D 4 31.18 -38.45 -3.83
CA LEU D 4 31.28 -38.88 -2.44
C LEU D 4 30.89 -40.35 -2.35
N ALA D 5 31.75 -41.16 -1.76
CA ALA D 5 31.49 -42.59 -1.62
C ALA D 5 30.45 -42.87 -0.54
N PHE D 6 29.50 -43.77 -0.83
CA PHE D 6 28.45 -44.14 0.10
C PHE D 6 28.06 -45.59 -0.22
N LEU D 7 27.45 -46.28 0.73
CA LEU D 7 27.07 -47.67 0.52
C LEU D 7 25.60 -47.90 0.20
N TYR D 8 25.32 -49.04 -0.43
CA TYR D 8 23.96 -49.45 -0.77
C TYR D 8 23.60 -50.58 0.21
N GLU D 9 22.32 -50.80 0.46
CA GLU D 9 21.88 -51.82 1.44
C GLU D 9 22.60 -53.18 1.43
N ARG D 10 22.94 -53.67 0.25
CA ARG D 10 23.62 -54.96 0.13
C ARG D 10 24.95 -54.91 0.90
N ASP D 11 25.73 -53.87 0.65
CA ASP D 11 27.03 -53.68 1.29
C ASP D 11 26.88 -53.42 2.77
N ILE D 12 25.87 -52.62 3.14
CA ILE D 12 25.60 -52.31 4.54
C ILE D 12 25.43 -53.60 5.32
N TYR D 13 24.48 -54.42 4.86
CA TYR D 13 24.17 -55.69 5.49
C TYR D 13 25.44 -56.51 5.70
N ARG D 14 26.26 -56.61 4.66
CA ARG D 14 27.49 -57.39 4.73
C ARG D 14 28.47 -56.85 5.78
N LEU D 15 28.67 -55.53 5.76
CA LEU D 15 29.55 -54.86 6.71
C LEU D 15 29.13 -55.17 8.15
N LEU D 16 27.83 -55.06 8.43
CA LEU D 16 27.33 -55.36 9.77
C LEU D 16 27.65 -56.82 10.11
N ALA D 17 27.63 -57.69 9.09
CA ALA D 17 27.93 -59.11 9.27
C ALA D 17 29.40 -59.22 9.68
N GLU D 18 30.25 -58.45 9.00
CA GLU D 18 31.68 -58.44 9.31
C GLU D 18 31.94 -57.85 10.67
N CYS D 19 31.08 -56.94 11.10
CA CYS D 19 31.23 -56.35 12.41
C CYS D 19 30.97 -57.41 13.46
N ASP D 20 30.11 -58.37 13.13
CA ASP D 20 29.81 -59.48 14.04
C ASP D 20 31.02 -60.42 13.98
N ASN D 21 31.81 -60.27 12.92
CA ASN D 21 33.00 -61.08 12.70
C ASN D 21 34.26 -60.38 13.25
N SER D 22 34.07 -59.23 13.90
CA SER D 22 35.18 -58.47 14.45
C SER D 22 35.51 -58.86 15.89
N ARG D 23 36.78 -58.67 16.26
CA ARG D 23 37.22 -58.96 17.62
C ARG D 23 36.68 -57.84 18.51
N ASN D 24 36.71 -56.61 17.99
CA ASN D 24 36.26 -55.43 18.71
C ASN D 24 34.73 -55.42 18.90
N PRO D 25 34.26 -55.52 20.16
CA PRO D 25 32.83 -55.52 20.49
C PRO D 25 32.13 -54.19 20.25
N ASP D 26 32.86 -53.11 20.41
CA ASP D 26 32.29 -51.77 20.25
C ASP D 26 32.17 -51.38 18.79
N LEU D 27 32.63 -52.25 17.90
CA LEU D 27 32.61 -51.95 16.48
C LEU D 27 31.26 -51.68 15.85
N GLY D 28 30.38 -52.67 15.94
CA GLY D 28 29.06 -52.59 15.36
C GLY D 28 28.31 -51.38 15.86
N LEU D 29 28.38 -51.19 17.17
CA LEU D 29 27.74 -50.05 17.81
C LEU D 29 28.20 -48.73 17.18
N ILE D 30 29.50 -48.55 17.01
CA ILE D 30 30.00 -47.31 16.41
C ILE D 30 29.54 -47.16 14.95
N VAL D 31 29.59 -48.26 14.20
CA VAL D 31 29.19 -48.27 12.80
C VAL D 31 27.72 -47.87 12.70
N ARG D 32 26.88 -48.55 13.47
CA ARG D 32 25.44 -48.30 13.50
C ARG D 32 25.11 -46.84 13.80
N ILE D 33 25.73 -46.27 14.82
CA ILE D 33 25.48 -44.89 15.17
C ILE D 33 25.75 -44.00 13.96
N CYS D 34 26.91 -44.16 13.33
CA CYS D 34 27.25 -43.36 12.16
C CYS D 34 26.20 -43.51 11.07
N LEU D 35 25.70 -44.73 10.92
CA LEU D 35 24.68 -45.03 9.92
C LEU D 35 23.31 -44.46 10.29
N ALA D 36 23.07 -44.36 11.59
CA ALA D 36 21.82 -43.84 12.09
C ALA D 36 21.82 -42.32 12.26
N THR D 37 23.00 -41.74 12.47
CA THR D 37 23.08 -40.30 12.72
C THR D 37 23.91 -39.48 11.76
N GLY D 38 24.78 -40.13 11.00
CA GLY D 38 25.61 -39.40 10.06
C GLY D 38 26.85 -38.85 10.76
N ALA D 39 26.97 -39.15 12.04
CA ALA D 39 28.10 -38.70 12.84
C ALA D 39 29.41 -39.09 12.19
N ARG D 40 30.36 -38.17 12.15
CA ARG D 40 31.67 -38.48 11.61
C ARG D 40 32.21 -39.61 12.50
N TRP D 41 33.08 -40.44 11.97
CA TRP D 41 33.60 -41.56 12.74
C TRP D 41 34.13 -41.18 14.11
N SER D 42 35.02 -40.20 14.13
CA SER D 42 35.62 -39.73 15.36
C SER D 42 34.60 -39.42 16.45
N GLU D 43 33.75 -38.43 16.20
CA GLU D 43 32.74 -38.05 17.17
C GLU D 43 31.90 -39.22 17.66
N ALA D 44 31.51 -40.10 16.76
CA ALA D 44 30.70 -41.26 17.12
C ALA D 44 31.48 -42.23 17.99
N GLU D 45 32.76 -42.39 17.66
CA GLU D 45 33.65 -43.28 18.38
C GLU D 45 33.95 -42.78 19.77
N THR D 46 34.17 -41.48 19.88
CA THR D 46 34.51 -40.85 21.16
C THR D 46 33.32 -40.43 21.99
N LEU D 47 32.18 -41.07 21.78
CA LEU D 47 30.99 -40.73 22.53
C LEU D 47 31.18 -40.91 24.02
N THR D 48 30.55 -40.02 24.78
CA THR D 48 30.61 -40.08 26.24
C THR D 48 29.21 -40.30 26.74
N GLN D 49 29.07 -40.91 27.91
CA GLN D 49 27.77 -41.17 28.51
C GLN D 49 26.98 -39.88 28.67
N SER D 50 27.70 -38.76 28.71
CA SER D 50 27.13 -37.43 28.85
C SER D 50 26.32 -37.03 27.61
N GLN D 51 26.77 -37.47 26.44
CA GLN D 51 26.12 -37.15 25.18
C GLN D 51 24.97 -38.06 24.77
N VAL D 52 24.74 -39.12 25.53
CA VAL D 52 23.68 -40.09 25.20
C VAL D 52 22.52 -40.16 26.20
N MET D 53 21.53 -39.29 26.02
CA MET D 53 20.35 -39.28 26.87
C MET D 53 19.33 -40.14 26.15
N PRO D 54 18.25 -40.54 26.83
CA PRO D 54 17.22 -41.38 26.19
C PRO D 54 16.72 -40.90 24.84
N TYR D 55 17.14 -41.65 23.82
CA TYR D 55 16.77 -41.47 22.40
C TYR D 55 17.36 -40.30 21.64
N LYS D 56 18.55 -39.87 22.05
CA LYS D 56 19.21 -38.73 21.40
C LYS D 56 20.70 -38.67 21.75
N ILE D 57 21.50 -38.34 20.74
CA ILE D 57 22.96 -38.24 20.90
C ILE D 57 23.40 -36.83 20.52
N THR D 58 24.26 -36.23 21.34
CA THR D 58 24.73 -34.89 21.06
C THR D 58 26.17 -34.89 20.59
N PHE D 59 26.34 -34.48 19.35
CA PHE D 59 27.65 -34.44 18.73
C PHE D 59 28.25 -33.05 18.79
N THR D 60 29.21 -32.88 19.68
CA THR D 60 29.88 -31.60 19.80
C THR D 60 31.11 -31.68 18.91
N ASN D 61 31.30 -30.66 18.06
CA ASN D 61 32.46 -30.63 17.18
C ASN D 61 33.64 -30.40 18.12
N THR D 62 34.35 -31.49 18.42
CA THR D 62 35.51 -31.49 19.32
C THR D 62 36.66 -30.65 18.76
N LYS D 63 36.43 -29.33 18.72
CA LYS D 63 37.38 -28.36 18.21
C LYS D 63 36.64 -27.02 18.21
N SER D 64 35.57 -26.94 17.41
CA SER D 64 34.77 -25.71 17.29
C SER D 64 33.34 -25.75 17.84
N LYS D 65 33.18 -26.24 19.07
CA LYS D 65 31.89 -26.33 19.77
C LYS D 65 30.71 -26.90 18.98
N LYS D 66 30.03 -26.04 18.20
CA LYS D 66 28.88 -26.40 17.39
C LYS D 66 27.77 -26.99 18.25
N ASN D 67 27.89 -28.29 18.54
CA ASN D 67 26.92 -29.04 19.33
C ASN D 67 25.55 -29.18 18.70
N ARG D 68 25.25 -30.42 18.35
CA ARG D 68 23.99 -30.76 17.73
C ARG D 68 23.47 -32.01 18.43
N THR D 69 22.17 -32.15 18.49
CA THR D 69 21.54 -33.31 19.11
C THR D 69 20.75 -34.04 18.02
N VAL D 70 20.95 -35.34 17.89
CA VAL D 70 20.26 -36.14 16.89
C VAL D 70 19.50 -37.30 17.51
N PRO D 71 18.21 -37.45 17.18
CA PRO D 71 17.37 -38.53 17.70
C PRO D 71 17.79 -39.88 17.12
N ILE D 72 17.61 -40.93 17.91
CA ILE D 72 17.97 -42.28 17.47
C ILE D 72 16.79 -43.19 17.78
N SER D 73 16.88 -44.46 17.40
CA SER D 73 15.81 -45.39 17.68
C SER D 73 15.90 -45.90 19.10
N ASP D 74 14.78 -46.43 19.59
CA ASP D 74 14.72 -46.98 20.92
C ASP D 74 15.69 -48.13 21.01
N GLU D 75 15.52 -49.11 20.12
CA GLU D 75 16.37 -50.28 20.12
C GLU D 75 17.85 -49.93 20.00
N LEU D 76 18.16 -48.90 19.23
CA LEU D 76 19.54 -48.51 19.06
C LEU D 76 20.07 -48.02 20.40
N PHE D 77 19.29 -47.16 21.06
CA PHE D 77 19.67 -46.62 22.36
C PHE D 77 19.98 -47.73 23.34
N ASP D 78 19.04 -48.67 23.48
CA ASP D 78 19.20 -49.78 24.39
C ASP D 78 20.41 -50.66 24.10
N MET D 79 20.93 -50.57 22.89
CA MET D 79 22.09 -51.36 22.52
C MET D 79 23.36 -50.80 23.08
N LEU D 80 23.44 -49.48 23.19
CA LEU D 80 24.65 -48.84 23.73
C LEU D 80 24.94 -49.28 25.16
N PRO D 81 26.24 -49.35 25.51
CA PRO D 81 26.64 -49.75 26.87
C PRO D 81 26.25 -48.66 27.86
N LYS D 82 25.84 -49.07 29.07
CA LYS D 82 25.44 -48.09 30.07
C LYS D 82 26.60 -47.90 31.05
N LYS D 83 27.66 -47.25 30.57
CA LYS D 83 28.85 -47.01 31.38
C LYS D 83 29.24 -45.52 31.45
N ARG D 84 30.04 -45.16 32.44
CA ARG D 84 30.48 -43.79 32.63
C ARG D 84 31.71 -43.44 31.80
N GLY D 85 31.79 -42.17 31.38
CA GLY D 85 32.93 -41.74 30.58
C GLY D 85 32.75 -42.03 29.10
N ARG D 86 33.83 -42.47 28.45
CA ARG D 86 33.80 -42.80 27.02
C ARG D 86 33.16 -44.18 26.86
N LEU D 87 32.13 -44.25 26.03
CA LEU D 87 31.39 -45.48 25.80
C LEU D 87 32.15 -46.57 25.04
N PHE D 88 33.08 -46.16 24.20
CA PHE D 88 33.80 -47.10 23.38
C PHE D 88 35.31 -46.93 23.41
N ASN D 89 36.00 -47.90 22.82
CA ASN D 89 37.45 -47.89 22.71
C ASN D 89 37.72 -47.75 21.24
N ASP D 90 38.83 -47.11 20.88
CA ASP D 90 39.21 -46.90 19.48
C ASP D 90 38.96 -48.16 18.66
N ALA D 91 38.19 -48.03 17.57
CA ALA D 91 37.88 -49.16 16.72
C ALA D 91 38.13 -48.92 15.23
N TYR D 92 38.77 -47.81 14.88
CA TYR D 92 39.00 -47.53 13.46
C TYR D 92 39.83 -48.58 12.72
N GLU D 93 40.92 -49.07 13.30
CA GLU D 93 41.72 -50.06 12.60
C GLU D 93 40.84 -51.27 12.36
N SER D 94 39.98 -51.57 13.33
CA SER D 94 39.05 -52.67 13.20
C SER D 94 38.03 -52.33 12.10
N PHE D 95 37.73 -51.05 11.93
CA PHE D 95 36.81 -50.61 10.88
C PHE D 95 37.47 -51.02 9.57
N GLU D 96 38.72 -50.61 9.38
CA GLU D 96 39.48 -50.94 8.18
C GLU D 96 39.44 -52.45 7.95
N ASN D 97 39.71 -53.21 9.01
CA ASN D 97 39.71 -54.65 8.95
C ASN D 97 38.37 -55.17 8.45
N ALA D 98 37.30 -54.57 8.95
CA ALA D 98 35.94 -54.97 8.60
C ALA D 98 35.65 -54.74 7.12
N VAL D 99 36.00 -53.56 6.63
CA VAL D 99 35.79 -53.16 5.25
C VAL D 99 36.55 -54.12 4.33
N LEU D 100 37.77 -54.46 4.74
CA LEU D 100 38.62 -55.39 3.99
C LEU D 100 37.94 -56.74 3.80
N ARG D 101 37.46 -57.32 4.89
CA ARG D 101 36.79 -58.61 4.87
C ARG D 101 35.53 -58.59 4.00
N ALA D 102 34.79 -57.50 4.07
CA ALA D 102 33.57 -57.35 3.30
C ALA D 102 33.85 -57.03 1.83
N GLU D 103 35.12 -57.02 1.45
CA GLU D 103 35.55 -56.75 0.07
C GLU D 103 34.89 -55.52 -0.55
N ILE D 104 34.80 -54.46 0.26
CA ILE D 104 34.19 -53.20 -0.18
C ILE D 104 35.23 -52.28 -0.81
N GLU D 105 35.15 -52.13 -2.13
CA GLU D 105 36.07 -51.26 -2.88
C GLU D 105 35.86 -49.82 -2.41
N LEU D 106 36.87 -49.23 -1.78
CA LEU D 106 36.71 -47.87 -1.31
C LEU D 106 37.84 -46.91 -1.70
N PRO D 107 37.49 -45.66 -2.05
CA PRO D 107 38.45 -44.62 -2.44
C PRO D 107 39.41 -44.25 -1.32
N LYS D 108 40.58 -43.76 -1.73
CA LYS D 108 41.66 -43.37 -0.82
C LYS D 108 41.19 -42.58 0.40
N GLY D 109 41.29 -43.21 1.56
CA GLY D 109 40.92 -42.57 2.83
C GLY D 109 39.54 -41.94 3.02
N GLN D 110 38.58 -42.26 2.16
CA GLN D 110 37.22 -41.72 2.31
C GLN D 110 36.49 -42.43 3.48
N LEU D 111 37.16 -43.45 4.01
CA LEU D 111 36.66 -44.26 5.09
C LEU D 111 36.04 -43.49 6.24
N THR D 112 36.78 -42.53 6.80
CA THR D 112 36.26 -41.75 7.93
C THR D 112 34.87 -41.15 7.72
N HIS D 113 34.50 -40.90 6.48
CA HIS D 113 33.21 -40.29 6.20
C HIS D 113 32.22 -41.13 5.40
N VAL D 114 32.63 -42.32 4.97
CA VAL D 114 31.75 -43.17 4.17
C VAL D 114 30.42 -43.47 4.82
N LEU D 115 30.42 -43.73 6.12
CA LEU D 115 29.17 -44.03 6.82
C LEU D 115 28.25 -42.82 6.86
N ARG D 116 28.83 -41.65 7.13
CA ARG D 116 28.09 -40.41 7.19
C ARG D 116 27.50 -40.11 5.79
N HIS D 117 28.34 -40.12 4.76
CA HIS D 117 27.90 -39.88 3.39
C HIS D 117 26.72 -40.80 3.10
N THR D 118 26.81 -42.03 3.59
CA THR D 118 25.76 -43.01 3.40
C THR D 118 24.45 -42.54 4.02
N PHE D 119 24.50 -42.22 5.31
CA PHE D 119 23.32 -41.75 6.03
C PHE D 119 22.65 -40.61 5.24
N ALA D 120 23.44 -39.62 4.84
CA ALA D 120 22.92 -38.48 4.09
C ALA D 120 22.29 -38.90 2.77
N SER D 121 22.99 -39.74 2.00
CA SER D 121 22.46 -40.19 0.72
C SER D 121 21.11 -40.87 0.85
N HIS D 122 21.00 -41.81 1.79
CA HIS D 122 19.75 -42.53 2.02
C HIS D 122 18.63 -41.63 2.54
N PHE D 123 19.01 -40.71 3.43
CA PHE D 123 18.10 -39.74 4.02
C PHE D 123 17.42 -38.95 2.90
N MET D 124 18.21 -38.41 1.98
CA MET D 124 17.67 -37.65 0.87
C MET D 124 16.91 -38.55 -0.08
N MET D 125 17.41 -39.75 -0.31
CA MET D 125 16.73 -40.69 -1.19
C MET D 125 15.34 -40.98 -0.61
N ASN D 126 15.22 -40.83 0.72
CA ASN D 126 13.97 -41.07 1.46
C ASN D 126 13.01 -39.86 1.54
N GLY D 127 13.40 -38.74 0.95
CA GLY D 127 12.56 -37.55 0.98
C GLY D 127 12.88 -36.59 2.11
N GLY D 128 14.14 -36.54 2.49
CA GLY D 128 14.54 -35.66 3.57
C GLY D 128 14.66 -34.20 3.22
N ASN D 129 14.32 -33.35 4.18
CA ASN D 129 14.43 -31.92 3.95
C ASN D 129 15.90 -31.57 4.00
N ILE D 130 16.47 -31.22 2.84
CA ILE D 130 17.90 -30.88 2.76
C ILE D 130 18.33 -29.94 3.88
N LEU D 131 17.41 -29.12 4.38
CA LEU D 131 17.73 -28.18 5.45
C LEU D 131 17.84 -28.88 6.81
N VAL D 132 16.92 -29.80 7.09
CA VAL D 132 16.97 -30.55 8.35
C VAL D 132 18.29 -31.31 8.35
N LEU D 133 18.61 -31.88 7.20
CA LEU D 133 19.84 -32.63 7.01
C LEU D 133 21.06 -31.75 7.23
N LYS D 134 20.95 -30.47 6.82
CA LYS D 134 22.05 -29.53 6.98
C LYS D 134 22.48 -29.44 8.44
N GLU D 135 21.51 -29.19 9.33
CA GLU D 135 21.82 -29.09 10.75
C GLU D 135 22.14 -30.45 11.37
N ILE D 136 21.49 -31.51 10.89
CA ILE D 136 21.77 -32.85 11.40
C ILE D 136 23.25 -33.15 11.16
N LEU D 137 23.70 -32.89 9.94
CA LEU D 137 25.10 -33.13 9.61
C LEU D 137 26.01 -32.09 10.23
N GLY D 138 25.41 -31.09 10.85
CA GLY D 138 26.20 -30.03 11.49
C GLY D 138 27.00 -29.26 10.46
N HIS D 139 26.46 -29.18 9.25
CA HIS D 139 27.10 -28.47 8.15
C HIS D 139 27.14 -26.96 8.43
N SER D 140 28.23 -26.32 8.02
CA SER D 140 28.39 -24.88 8.22
C SER D 140 27.55 -24.05 7.26
N THR D 141 27.68 -24.32 5.97
CA THR D 141 26.94 -23.61 4.94
C THR D 141 26.07 -24.55 4.12
N ILE D 142 24.86 -24.10 3.79
CA ILE D 142 23.91 -24.88 3.02
C ILE D 142 24.52 -25.52 1.78
N GLU D 143 25.42 -24.79 1.13
CA GLU D 143 26.09 -25.28 -0.07
C GLU D 143 26.68 -26.68 0.08
N MET D 144 27.06 -27.04 1.30
CA MET D 144 27.65 -28.35 1.56
C MET D 144 26.67 -29.50 1.41
N THR D 145 25.53 -29.38 2.07
CA THR D 145 24.52 -30.43 2.01
C THR D 145 23.98 -30.58 0.61
N MET D 146 24.12 -29.54 -0.19
CA MET D 146 23.65 -29.57 -1.57
C MET D 146 24.22 -30.71 -2.39
N ARG D 147 25.34 -31.27 -1.96
CA ARG D 147 25.97 -32.37 -2.67
C ARG D 147 25.11 -33.64 -2.64
N TYR D 148 24.19 -33.72 -1.69
CA TYR D 148 23.30 -34.88 -1.59
C TYR D 148 21.97 -34.61 -2.29
N ALA D 149 21.82 -33.38 -2.77
CA ALA D 149 20.60 -32.93 -3.45
C ALA D 149 20.10 -33.88 -4.55
N HIS D 150 21.00 -34.32 -5.42
CA HIS D 150 20.64 -35.21 -6.53
C HIS D 150 19.98 -36.53 -6.08
N PHE D 151 20.15 -36.88 -4.80
CA PHE D 151 19.56 -38.11 -4.28
C PHE D 151 18.06 -37.97 -4.07
N ALA D 152 17.61 -36.75 -3.81
CA ALA D 152 16.20 -36.45 -3.60
C ALA D 152 15.46 -36.70 -4.89
N PRO D 153 14.58 -37.71 -4.91
CA PRO D 153 13.78 -38.07 -6.09
C PRO D 153 12.80 -36.98 -6.53
N SER D 154 13.34 -35.85 -6.98
CA SER D 154 12.56 -34.70 -7.42
C SER D 154 11.44 -34.99 -8.41
N HIS D 155 10.30 -35.40 -7.86
CA HIS D 155 9.11 -35.66 -8.65
C HIS D 155 8.19 -34.50 -8.34
N LEU D 156 7.68 -33.88 -9.40
CA LEU D 156 6.82 -32.72 -9.27
C LEU D 156 5.34 -32.91 -8.92
N GLU D 157 4.79 -34.10 -9.12
CA GLU D 157 3.38 -34.29 -8.83
C GLU D 157 2.91 -33.94 -7.41
N SER D 158 3.85 -33.61 -6.54
CA SER D 158 3.51 -33.21 -5.18
C SER D 158 2.84 -31.84 -5.22
N ALA D 159 3.10 -31.10 -6.30
CA ALA D 159 2.51 -29.78 -6.52
C ALA D 159 0.98 -29.90 -6.48
N VAL D 160 0.46 -30.92 -7.14
CA VAL D 160 -0.98 -31.14 -7.20
C VAL D 160 -1.53 -31.47 -5.82
N LYS D 161 -0.68 -32.00 -4.95
CA LYS D 161 -1.12 -32.39 -3.61
C LYS D 161 -0.88 -31.31 -2.55
N PHE D 162 0.13 -30.47 -2.77
CA PHE D 162 0.48 -29.44 -1.81
C PHE D 162 0.01 -28.00 -2.06
N ASN D 163 -0.43 -27.71 -3.27
CA ASN D 163 -0.88 -26.35 -3.59
C ASN D 163 -2.05 -25.90 -2.73
N PRO D 164 -2.03 -24.62 -2.32
CA PRO D 164 -3.07 -24.00 -1.49
C PRO D 164 -4.46 -23.90 -2.14
N LEU D 165 -4.58 -24.23 -3.42
CA LEU D 165 -5.87 -24.17 -4.08
C LEU D 165 -6.73 -25.36 -3.67
N SER D 166 -6.31 -26.55 -4.11
CA SER D 166 -7.05 -27.77 -3.80
C SER D 166 -6.81 -28.22 -2.35
N ASN D 167 -5.68 -27.80 -1.77
CA ASN D 167 -5.37 -28.20 -0.40
C ASN D 167 -4.55 -27.17 0.38
N PRO D 168 -5.23 -26.23 1.05
CA PRO D 168 -4.55 -25.20 1.83
C PRO D 168 -4.25 -25.69 3.25
N ALA D 169 -3.06 -25.36 3.74
CA ALA D 169 -2.63 -25.76 5.07
C ALA D 169 -3.36 -24.97 6.15
N GLN D 170 -3.36 -23.64 6.01
CA GLN D 170 -4.00 -22.76 6.97
C GLN D 170 -3.37 -22.92 8.35
#